data_6IZ9
#
_entry.id   6IZ9
#
_cell.length_a   62.397
_cell.length_b   62.397
_cell.length_c   171.036
_cell.angle_alpha   90.00
_cell.angle_beta   90.00
_cell.angle_gamma   120.00
#
_symmetry.space_group_name_H-M   'P 31'
#
loop_
_entity.id
_entity.type
_entity.pdbx_description
1 polymer Beta-transaminase
2 water water
#
_entity_poly.entity_id   1
_entity_poly.type   'polypeptide(L)'
_entity_poly.pdbx_seq_one_letter_code
;MASMTGGQQMGRGSMNEPIGEPGRSPASDTAEKAQAIAAARNTFARDNPVSAGHHERARRSMPGGNTRSILFHRPFPLVI
AQGTGSRFQDVDGHAYVNFLGEYTAGLFGHSHPVIRAAVERALAVGLNLSTQTENEALFAEAVCDRFPSIDLVRFTNSGT
EANLMALATATAITGRKTVLAFDGGYHGGLLNFASGHAPTNAPYHVVLGVYNDVEGTADLLKRHGHDCAAILVEPMLGAG
GCVPAERAFLDLLRAEASRCGALLIFDEVMTSRLSGGGAQEMLGISADLTTLGKYIGGGMSFGAFGGRRDLMERFDPARD
GAFAHAGTFNNNILTMSAGHAALTQIYTRQAASDLSASGDRFRANLNRIAVENQAPLQFTGLGSLGTIHFSRAPIRSAGD
VRAADQQLKELFFFHMLRKGIYLAPRGMYALSLEIADAGRDAFAEALADFIGEQRALLMAAALEHHHHHH
;
_entity_poly.pdbx_strand_id   A,B
#
# COMPACT_ATOMS: atom_id res chain seq x y z
N ALA A 31 31.41 -3.65 33.22
CA ALA A 31 31.67 -4.92 32.56
C ALA A 31 32.45 -4.71 31.27
N GLU A 32 33.30 -5.67 30.91
CA GLU A 32 34.10 -5.53 29.70
C GLU A 32 33.20 -5.45 28.47
N LYS A 33 32.12 -6.23 28.43
CA LYS A 33 31.18 -6.14 27.33
C LYS A 33 30.45 -4.80 27.33
N ALA A 34 29.96 -4.37 28.50
CA ALA A 34 29.27 -3.09 28.59
C ALA A 34 30.18 -1.94 28.20
N GLN A 35 31.43 -1.96 28.66
CA GLN A 35 32.36 -0.89 28.32
C GLN A 35 32.71 -0.92 26.83
N ALA A 36 32.84 -2.13 26.25
CA ALA A 36 33.17 -2.21 24.83
C ALA A 36 32.01 -1.75 23.96
N ILE A 37 30.77 -2.11 24.32
CA ILE A 37 29.63 -1.65 23.55
C ILE A 37 29.43 -0.14 23.72
N ALA A 38 29.73 0.39 24.92
CA ALA A 38 29.65 1.84 25.10
C ALA A 38 30.68 2.56 24.26
N ALA A 39 31.91 2.03 24.20
CA ALA A 39 32.95 2.65 23.38
C ALA A 39 32.60 2.58 21.90
N ALA A 40 32.11 1.42 21.44
CA ALA A 40 31.72 1.27 20.04
C ALA A 40 30.56 2.18 19.68
N ARG A 41 29.60 2.34 20.60
CA ARG A 41 28.45 3.20 20.33
C ARG A 41 28.86 4.68 20.32
N ASN A 42 29.76 5.07 21.23
CA ASN A 42 30.27 6.43 21.20
C ASN A 42 31.04 6.71 19.91
N THR A 43 31.82 5.73 19.44
CA THR A 43 32.53 5.89 18.18
C THR A 43 31.56 5.94 17.00
N PHE A 44 30.47 5.19 17.06
CA PHE A 44 29.44 5.26 16.02
C PHE A 44 28.81 6.64 16.00
N ALA A 45 28.46 7.18 17.17
CA ALA A 45 27.85 8.51 17.24
C ALA A 45 28.79 9.58 16.72
N ARG A 46 30.06 9.52 17.13
CA ARG A 46 31.05 10.46 16.60
C ARG A 46 31.30 10.24 15.12
N ASP A 47 31.03 9.04 14.61
CA ASP A 47 31.27 8.75 13.20
C ASP A 47 30.23 9.40 12.31
N ASN A 48 28.97 9.47 12.78
CA ASN A 48 27.84 9.84 11.94
C ASN A 48 27.04 10.99 12.53
N PRO A 49 27.59 12.21 12.50
CA PRO A 49 26.81 13.35 13.00
C PRO A 49 25.63 13.72 12.12
N VAL A 50 25.68 13.41 10.82
CA VAL A 50 24.62 13.83 9.91
C VAL A 50 23.37 12.98 10.12
N SER A 51 23.55 11.68 10.40
CA SER A 51 22.40 10.84 10.73
C SER A 51 21.75 11.31 12.03
N ALA A 52 22.57 11.76 12.98
CA ALA A 52 22.03 12.30 14.23
C ALA A 52 21.24 13.59 13.97
N GLY A 53 21.76 14.46 13.11
CA GLY A 53 21.02 15.67 12.76
C GLY A 53 19.71 15.36 12.08
N HIS A 54 19.70 14.35 11.21
CA HIS A 54 18.46 13.95 10.55
C HIS A 54 17.46 13.39 11.54
N HIS A 55 17.93 12.58 12.49
CA HIS A 55 17.06 12.09 13.55
C HIS A 55 16.46 13.22 14.37
N GLU A 56 17.28 14.23 14.70
CA GLU A 56 16.78 15.36 15.47
C GLU A 56 15.73 16.14 14.71
N ARG A 57 15.99 16.43 13.42
CA ARG A 57 15.00 17.15 12.62
C ARG A 57 13.73 16.34 12.45
N ALA A 58 13.85 15.01 12.33
CA ALA A 58 12.68 14.16 12.21
C ALA A 58 11.90 14.05 13.52
N ARG A 59 12.57 14.32 14.65
CA ARG A 59 11.88 14.24 15.94
C ARG A 59 10.70 15.20 16.03
N ARG A 60 10.66 16.24 15.20
CA ARG A 60 9.51 17.13 15.19
C ARG A 60 8.23 16.39 14.86
N SER A 61 8.32 15.36 14.01
CA SER A 61 7.16 14.56 13.66
C SER A 61 7.49 13.07 13.80
N ARG A 74 19.78 2.67 22.95
CA ARG A 74 19.34 2.68 21.56
C ARG A 74 19.91 3.89 20.82
N PRO A 75 21.06 3.70 20.17
CA PRO A 75 21.65 4.79 19.40
C PRO A 75 20.86 5.05 18.11
N PHE A 76 21.00 6.27 17.61
CA PHE A 76 20.20 6.72 16.47
C PHE A 76 20.43 5.82 15.26
N PRO A 77 19.44 5.70 14.38
CA PRO A 77 19.62 4.87 13.18
C PRO A 77 20.50 5.54 12.15
N LEU A 78 21.11 4.71 11.30
CA LEU A 78 21.88 5.22 10.18
C LEU A 78 20.93 5.74 9.11
N VAL A 79 21.23 6.92 8.58
CA VAL A 79 20.41 7.53 7.54
C VAL A 79 21.17 7.39 6.23
N ILE A 80 20.55 6.73 5.25
CA ILE A 80 21.20 6.37 4.00
C ILE A 80 20.89 7.43 2.95
N ALA A 81 21.93 7.81 2.20
CA ALA A 81 21.81 8.88 1.22
C ALA A 81 21.66 8.38 -0.21
N GLN A 82 22.51 7.44 -0.64
CA GLN A 82 22.47 6.95 -2.01
C GLN A 82 22.85 5.48 -2.02
N GLY A 83 22.73 4.87 -3.19
CA GLY A 83 23.04 3.46 -3.35
C GLY A 83 23.42 3.13 -4.77
N THR A 84 24.21 2.07 -4.93
CA THR A 84 24.66 1.64 -6.25
C THR A 84 25.03 0.17 -6.16
N GLY A 85 24.38 -0.67 -6.96
CA GLY A 85 24.66 -2.09 -6.94
C GLY A 85 24.35 -2.65 -5.56
N SER A 86 25.35 -3.28 -4.94
CA SER A 86 25.22 -3.82 -3.60
C SER A 86 25.82 -2.90 -2.54
N ARG A 87 25.97 -1.62 -2.84
CA ARG A 87 26.63 -0.67 -1.96
C ARG A 87 25.68 0.46 -1.58
N PHE A 88 25.84 0.94 -0.35
CA PHE A 88 25.06 2.07 0.16
C PHE A 88 25.98 3.13 0.73
N GLN A 89 25.70 4.40 0.43
CA GLN A 89 26.44 5.51 0.98
C GLN A 89 25.51 6.31 1.89
N ASP A 90 25.87 6.43 3.16
CA ASP A 90 25.03 7.10 4.14
C ASP A 90 25.17 8.62 4.02
N VAL A 91 24.45 9.33 4.89
CA VAL A 91 24.43 10.79 4.86
C VAL A 91 25.76 11.38 5.32
N ASP A 92 26.60 10.59 5.98
CA ASP A 92 27.93 11.04 6.37
C ASP A 92 29.01 10.66 5.38
N GLY A 93 28.64 10.00 4.27
CA GLY A 93 29.57 9.70 3.22
C GLY A 93 30.27 8.36 3.31
N HIS A 94 29.94 7.52 4.30
CA HIS A 94 30.57 6.21 4.41
C HIS A 94 29.93 5.24 3.42
N ALA A 95 30.76 4.50 2.71
CA ALA A 95 30.29 3.46 1.81
C ALA A 95 30.27 2.13 2.54
N TYR A 96 29.21 1.36 2.32
CA TYR A 96 29.02 0.08 2.97
C TYR A 96 28.60 -0.96 1.95
N VAL A 97 28.98 -2.21 2.21
CA VAL A 97 28.41 -3.34 1.48
C VAL A 97 27.07 -3.66 2.12
N ASN A 98 26.01 -3.63 1.32
CA ASN A 98 24.64 -3.71 1.83
C ASN A 98 24.26 -5.18 1.86
N PHE A 99 24.49 -5.82 3.01
CA PHE A 99 24.15 -7.23 3.19
C PHE A 99 22.69 -7.45 3.55
N LEU A 100 22.02 -6.46 4.14
CA LEU A 100 20.65 -6.64 4.58
C LEU A 100 19.65 -6.62 3.42
N GLY A 101 20.00 -5.97 2.32
CA GLY A 101 19.19 -6.04 1.12
C GLY A 101 17.76 -5.58 1.31
N GLU A 102 17.53 -4.65 2.23
CA GLU A 102 16.20 -4.06 2.48
C GLU A 102 15.17 -5.11 2.87
N TYR A 103 15.54 -6.01 3.77
CA TYR A 103 14.63 -7.03 4.30
C TYR A 103 13.98 -7.85 3.18
N THR A 104 14.82 -8.31 2.26
CA THR A 104 14.53 -9.15 1.09
C THR A 104 13.90 -8.36 -0.04
N ALA A 105 13.57 -7.08 0.17
CA ALA A 105 12.91 -6.33 -0.89
C ALA A 105 13.90 -5.85 -1.95
N GLY A 106 15.14 -5.55 -1.56
CA GLY A 106 16.12 -5.05 -2.50
C GLY A 106 16.88 -6.14 -3.21
N LEU A 107 16.15 -7.10 -3.78
CA LEU A 107 16.79 -8.24 -4.43
C LEU A 107 17.57 -7.82 -5.68
N PHE A 108 17.08 -6.81 -6.40
CA PHE A 108 17.69 -6.41 -7.66
C PHE A 108 18.86 -5.44 -7.49
N GLY A 109 19.16 -5.02 -6.26
CA GLY A 109 20.14 -3.98 -6.07
C GLY A 109 19.52 -2.59 -6.20
N HIS A 110 20.35 -1.58 -5.94
CA HIS A 110 19.86 -0.21 -5.89
C HIS A 110 19.79 0.47 -7.26
N SER A 111 20.60 0.06 -8.23
CA SER A 111 20.65 0.74 -9.54
C SER A 111 20.79 -0.27 -10.68
N HIS A 112 19.78 -1.10 -10.89
CA HIS A 112 19.90 -2.04 -11.98
C HIS A 112 19.43 -1.41 -13.29
N PRO A 113 20.19 -1.57 -14.38
CA PRO A 113 19.91 -0.77 -15.60
C PRO A 113 18.58 -1.02 -16.29
N VAL A 114 18.19 -2.28 -16.52
CA VAL A 114 16.95 -2.53 -17.25
C VAL A 114 15.75 -2.06 -16.45
N ILE A 115 15.77 -2.25 -15.13
CA ILE A 115 14.70 -1.75 -14.27
C ILE A 115 14.64 -0.23 -14.32
N ARG A 116 15.81 0.42 -14.25
CA ARG A 116 15.85 1.87 -14.35
C ARG A 116 15.26 2.35 -15.67
N ALA A 117 15.61 1.68 -16.77
CA ALA A 117 15.10 2.05 -18.08
C ALA A 117 13.59 1.80 -18.18
N ALA A 118 13.10 0.72 -17.58
CA ALA A 118 11.67 0.45 -17.58
C ALA A 118 10.92 1.53 -16.83
N VAL A 119 11.43 1.93 -15.66
CA VAL A 119 10.79 3.00 -14.90
C VAL A 119 10.84 4.31 -15.68
N GLU A 120 11.96 4.59 -16.35
CA GLU A 120 12.10 5.81 -17.12
C GLU A 120 11.11 5.85 -18.28
N ARG A 121 10.99 4.74 -19.01
CA ARG A 121 10.05 4.68 -20.13
C ARG A 121 8.62 4.83 -19.67
N ALA A 122 8.25 4.12 -18.59
CA ALA A 122 6.89 4.25 -18.06
C ALA A 122 6.63 5.67 -17.60
N LEU A 123 7.61 6.30 -16.95
CA LEU A 123 7.48 7.68 -16.51
C LEU A 123 7.23 8.61 -17.70
N ALA A 124 7.99 8.41 -18.79
CA ALA A 124 7.83 9.28 -19.95
C ALA A 124 6.50 9.06 -20.66
N VAL A 125 5.96 7.84 -20.61
CA VAL A 125 4.67 7.59 -21.24
C VAL A 125 3.52 8.10 -20.39
N GLY A 126 3.78 8.48 -19.14
CA GLY A 126 2.78 9.18 -18.36
C GLY A 126 2.48 8.61 -17.00
N LEU A 127 2.42 9.48 -16.00
CA LEU A 127 2.03 9.07 -14.66
C LEU A 127 0.50 9.03 -14.55
N ASN A 128 0.03 8.27 -13.57
CA ASN A 128 -1.39 8.24 -13.21
C ASN A 128 -2.26 7.99 -14.44
N LEU A 129 -2.03 6.84 -15.08
CA LEU A 129 -2.91 6.40 -16.14
C LEU A 129 -4.19 5.84 -15.54
N SER A 130 -5.14 5.47 -16.39
CA SER A 130 -6.44 5.02 -15.92
C SER A 130 -6.31 3.67 -15.20
N THR A 131 -7.45 3.18 -14.70
CA THR A 131 -7.48 1.90 -14.00
C THR A 131 -7.19 0.69 -14.90
N GLN A 132 -7.08 0.86 -16.22
CA GLN A 132 -6.87 -0.25 -17.12
C GLN A 132 -5.74 0.04 -18.08
N THR A 133 -4.67 -0.77 -18.00
CA THR A 133 -3.53 -0.70 -18.90
C THR A 133 -3.07 -2.13 -19.22
N GLU A 134 -2.20 -2.26 -20.22
CA GLU A 134 -1.70 -3.57 -20.63
C GLU A 134 -0.69 -4.14 -19.62
N ASN A 135 0.02 -3.27 -18.89
CA ASN A 135 1.09 -3.72 -18.02
C ASN A 135 0.61 -4.68 -16.95
N GLU A 136 -0.58 -4.45 -16.39
CA GLU A 136 -1.07 -5.28 -15.31
C GLU A 136 -1.26 -6.72 -15.76
N ALA A 137 -1.85 -6.92 -16.95
CA ALA A 137 -2.07 -8.28 -17.44
C ALA A 137 -0.76 -8.95 -17.82
N LEU A 138 0.16 -8.22 -18.47
CA LEU A 138 1.46 -8.83 -18.75
C LEU A 138 2.13 -9.29 -17.46
N PHE A 139 2.08 -8.43 -16.43
CA PHE A 139 2.67 -8.71 -15.13
C PHE A 139 2.01 -9.93 -14.48
N ALA A 140 0.68 -9.96 -14.49
CA ALA A 140 -0.05 -11.07 -13.88
C ALA A 140 0.26 -12.38 -14.57
N GLU A 141 0.43 -12.36 -15.90
CA GLU A 141 0.75 -13.60 -16.61
C GLU A 141 2.15 -14.08 -16.28
N ALA A 142 3.11 -13.17 -16.15
CA ALA A 142 4.44 -13.61 -15.72
C ALA A 142 4.41 -14.21 -14.31
N VAL A 143 3.74 -13.54 -13.37
CA VAL A 143 3.64 -14.07 -12.01
C VAL A 143 2.95 -15.42 -12.00
N CYS A 144 1.86 -15.54 -12.76
CA CYS A 144 1.13 -16.81 -12.85
C CYS A 144 1.99 -17.89 -13.47
N ASP A 145 2.81 -17.52 -14.46
CA ASP A 145 3.81 -18.45 -14.98
C ASP A 145 4.71 -18.96 -13.86
N ARG A 146 5.16 -18.06 -12.99
CA ARG A 146 6.03 -18.48 -11.89
C ARG A 146 5.26 -19.21 -10.80
N PHE A 147 3.99 -18.86 -10.58
CA PHE A 147 3.16 -19.50 -9.56
C PHE A 147 1.86 -19.95 -10.21
N PRO A 148 1.91 -21.01 -11.03
CA PRO A 148 0.70 -21.44 -11.76
C PRO A 148 -0.43 -21.82 -10.84
N SER A 149 -0.13 -22.15 -9.59
CA SER A 149 -1.14 -22.33 -8.56
C SER A 149 -2.04 -21.11 -8.41
N ILE A 150 -1.54 -19.92 -8.74
CA ILE A 150 -2.32 -18.70 -8.54
C ILE A 150 -3.27 -18.55 -9.72
N ASP A 151 -4.37 -19.31 -9.68
CA ASP A 151 -5.30 -19.34 -10.80
C ASP A 151 -5.84 -17.95 -11.11
N LEU A 152 -6.21 -17.20 -10.08
CA LEU A 152 -6.54 -15.78 -10.24
C LEU A 152 -5.63 -14.96 -9.34
N VAL A 153 -5.13 -13.85 -9.88
CA VAL A 153 -4.18 -12.98 -9.20
C VAL A 153 -4.82 -11.61 -9.01
N ARG A 154 -4.47 -10.94 -7.92
CA ARG A 154 -4.84 -9.55 -7.73
C ARG A 154 -3.68 -8.80 -7.09
N PHE A 155 -3.45 -7.58 -7.56
CA PHE A 155 -2.34 -6.75 -7.10
C PHE A 155 -2.82 -5.79 -6.01
N THR A 156 -1.94 -5.56 -5.04
CA THR A 156 -2.16 -4.63 -3.94
C THR A 156 -0.92 -3.74 -3.86
N ASN A 157 -0.95 -2.79 -2.92
CA ASN A 157 0.14 -1.86 -2.75
C ASN A 157 1.18 -2.33 -1.74
N SER A 158 0.92 -3.43 -1.03
CA SER A 158 1.86 -3.92 -0.03
C SER A 158 1.53 -5.37 0.31
N GLY A 159 2.51 -6.03 0.92
CA GLY A 159 2.27 -7.38 1.45
C GLY A 159 1.29 -7.39 2.59
N THR A 160 1.27 -6.32 3.39
CA THR A 160 0.25 -6.17 4.42
C THR A 160 -1.14 -6.21 3.80
N GLU A 161 -1.35 -5.41 2.74
CA GLU A 161 -2.64 -5.39 2.06
C GLU A 161 -2.95 -6.72 1.40
N ALA A 162 -1.92 -7.39 0.85
CA ALA A 162 -2.15 -8.69 0.21
C ALA A 162 -2.62 -9.72 1.23
N ASN A 163 -1.97 -9.77 2.40
CA ASN A 163 -2.38 -10.73 3.42
C ASN A 163 -3.75 -10.38 3.98
N LEU A 164 -4.04 -9.09 4.14
CA LEU A 164 -5.36 -8.67 4.60
C LEU A 164 -6.44 -9.10 3.62
N MET A 165 -6.21 -8.87 2.33
CA MET A 165 -7.20 -9.23 1.32
C MET A 165 -7.37 -10.74 1.22
N ALA A 166 -6.26 -11.48 1.35
CA ALA A 166 -6.36 -12.94 1.37
C ALA A 166 -7.23 -13.42 2.54
N LEU A 167 -7.00 -12.85 3.73
CA LEU A 167 -7.82 -13.19 4.89
C LEU A 167 -9.29 -12.81 4.65
N ALA A 168 -9.52 -11.67 4.01
CA ALA A 168 -10.88 -11.25 3.71
C ALA A 168 -11.57 -12.27 2.81
N THR A 169 -10.87 -12.72 1.77
CA THR A 169 -11.46 -13.71 0.87
C THR A 169 -11.69 -15.02 1.60
N ALA A 170 -10.79 -15.40 2.51
CA ALA A 170 -10.96 -16.62 3.27
C ALA A 170 -12.22 -16.57 4.14
N THR A 171 -12.36 -15.49 4.92
CA THR A 171 -13.54 -15.36 5.77
C THR A 171 -14.82 -15.24 4.95
N ALA A 172 -14.75 -14.61 3.78
CA ALA A 172 -15.94 -14.47 2.95
C ALA A 172 -16.38 -15.81 2.38
N ILE A 173 -15.45 -16.59 1.83
CA ILE A 173 -15.84 -17.87 1.24
C ILE A 173 -16.29 -18.84 2.34
N THR A 174 -15.55 -18.91 3.45
CA THR A 174 -15.86 -19.91 4.45
C THR A 174 -16.94 -19.49 5.43
N GLY A 175 -17.15 -18.18 5.61
CA GLY A 175 -18.05 -17.71 6.64
C GLY A 175 -17.54 -17.88 8.05
N ARG A 176 -16.32 -18.37 8.24
CA ARG A 176 -15.73 -18.56 9.55
C ARG A 176 -14.91 -17.33 9.93
N LYS A 177 -14.59 -17.24 11.23
CA LYS A 177 -13.96 -16.05 11.78
C LYS A 177 -12.56 -16.27 12.33
N THR A 178 -12.22 -17.50 12.75
CA THR A 178 -10.92 -17.76 13.36
C THR A 178 -9.84 -17.93 12.29
N VAL A 179 -8.65 -17.38 12.57
CA VAL A 179 -7.50 -17.51 11.70
C VAL A 179 -6.35 -18.09 12.52
N LEU A 180 -5.71 -19.13 12.00
CA LEU A 180 -4.59 -19.75 12.70
C LEU A 180 -3.29 -19.13 12.23
N ALA A 181 -2.56 -18.53 13.16
CA ALA A 181 -1.26 -17.94 12.90
C ALA A 181 -0.26 -18.53 13.89
N PHE A 182 1.00 -18.12 13.77
CA PHE A 182 2.06 -18.72 14.56
C PHE A 182 2.87 -17.64 15.27
N ASP A 183 3.25 -17.92 16.51
CA ASP A 183 3.99 -16.96 17.32
C ASP A 183 5.31 -16.61 16.66
N GLY A 184 5.61 -15.32 16.59
CA GLY A 184 6.80 -14.83 15.93
C GLY A 184 6.60 -14.42 14.49
N GLY A 185 5.43 -14.70 13.91
CA GLY A 185 5.19 -14.36 12.53
C GLY A 185 4.86 -12.89 12.34
N TYR A 186 5.24 -12.37 11.17
CA TYR A 186 4.97 -10.99 10.78
C TYR A 186 4.32 -11.01 9.41
N HIS A 187 3.05 -10.60 9.33
CA HIS A 187 2.33 -10.51 8.07
C HIS A 187 1.96 -9.09 7.69
N GLY A 188 2.38 -8.10 8.46
CA GLY A 188 2.06 -6.71 8.16
C GLY A 188 1.96 -5.88 9.43
N GLY A 189 1.80 -4.57 9.22
CA GLY A 189 1.72 -3.66 10.35
C GLY A 189 0.59 -3.99 11.31
N LEU A 190 -0.58 -4.31 10.76
CA LEU A 190 -1.71 -4.78 11.55
C LEU A 190 -1.87 -6.29 11.50
N LEU A 191 -0.81 -6.99 11.10
CA LEU A 191 -0.79 -8.44 11.08
C LEU A 191 0.56 -8.89 11.64
N ASN A 192 0.79 -8.59 12.92
CA ASN A 192 2.06 -8.88 13.56
C ASN A 192 1.82 -9.71 14.81
N PHE A 193 2.65 -10.75 14.97
CA PHE A 193 2.47 -11.70 16.08
C PHE A 193 3.80 -12.04 16.74
N ALA A 194 4.80 -11.17 16.64
CA ALA A 194 6.08 -11.42 17.30
C ALA A 194 5.90 -11.52 18.81
N SER A 195 5.08 -10.65 19.39
CA SER A 195 4.75 -10.71 20.80
C SER A 195 3.67 -11.72 21.12
N GLY A 196 3.26 -12.55 20.16
CA GLY A 196 2.09 -13.39 20.28
C GLY A 196 0.78 -12.68 19.99
N HIS A 197 0.80 -11.35 19.90
CA HIS A 197 -0.35 -10.51 19.59
C HIS A 197 0.16 -9.08 19.54
N ALA A 198 -0.71 -8.19 19.05
CA ALA A 198 -0.46 -6.76 19.09
C ALA A 198 -1.80 -6.07 19.20
N PRO A 199 -1.90 -5.00 20.02
CA PRO A 199 -3.17 -4.28 20.08
C PRO A 199 -3.53 -3.58 18.78
N THR A 200 -2.58 -3.43 17.86
CA THR A 200 -2.80 -2.83 16.55
C THR A 200 -3.30 -3.83 15.51
N ASN A 201 -3.20 -5.14 15.78
CA ASN A 201 -3.63 -6.14 14.81
C ASN A 201 -5.11 -5.97 14.49
N ALA A 202 -5.48 -6.21 13.23
CA ALA A 202 -6.89 -6.18 12.85
C ALA A 202 -7.67 -7.18 13.69
N PRO A 203 -8.94 -6.88 14.01
CA PRO A 203 -9.69 -7.71 14.96
C PRO A 203 -10.22 -9.03 14.37
N TYR A 204 -9.33 -9.76 13.69
CA TYR A 204 -9.61 -11.16 13.43
C TYR A 204 -9.41 -11.97 14.71
N HIS A 205 -10.17 -13.05 14.85
CA HIS A 205 -10.03 -13.91 16.01
C HIS A 205 -8.88 -14.89 15.74
N VAL A 206 -7.66 -14.35 15.80
CA VAL A 206 -6.49 -15.15 15.44
C VAL A 206 -6.19 -16.13 16.57
N VAL A 207 -5.94 -17.38 16.21
CA VAL A 207 -5.48 -18.41 17.13
C VAL A 207 -4.01 -18.62 16.86
N LEU A 208 -3.20 -18.59 17.91
CA LEU A 208 -1.75 -18.57 17.78
C LEU A 208 -1.18 -19.89 18.28
N GLY A 209 -0.44 -20.58 17.42
CA GLY A 209 0.29 -21.76 17.78
C GLY A 209 1.79 -21.45 17.73
N VAL A 210 2.57 -22.39 18.20
CA VAL A 210 4.01 -22.25 18.15
C VAL A 210 4.51 -22.83 16.83
N TYR A 211 5.42 -22.11 16.19
CA TYR A 211 5.92 -22.48 14.88
C TYR A 211 6.57 -23.86 14.91
N ASN A 212 6.48 -24.56 13.77
CA ASN A 212 7.12 -25.87 13.59
C ASN A 212 6.71 -26.87 14.66
N ASP A 213 5.43 -26.86 15.03
CA ASP A 213 4.90 -27.79 16.04
C ASP A 213 3.49 -28.17 15.61
N VAL A 214 3.36 -29.35 14.97
CA VAL A 214 2.08 -29.78 14.46
C VAL A 214 1.24 -30.50 15.51
N GLU A 215 1.83 -30.88 16.64
CA GLU A 215 1.04 -31.47 17.72
C GLU A 215 0.13 -30.44 18.37
N GLY A 216 0.71 -29.32 18.80
CA GLY A 216 -0.10 -28.23 19.34
C GLY A 216 -1.10 -27.71 18.32
N THR A 217 -0.69 -27.66 17.05
CA THR A 217 -1.60 -27.22 16.00
C THR A 217 -2.73 -28.22 15.81
N ALA A 218 -2.45 -29.52 15.94
CA ALA A 218 -3.50 -30.52 15.83
C ALA A 218 -4.48 -30.42 16.98
N ASP A 219 -3.98 -30.11 18.18
CA ASP A 219 -4.89 -29.92 19.31
C ASP A 219 -5.77 -28.68 19.12
N LEU A 220 -5.14 -27.55 18.77
CA LEU A 220 -5.91 -26.34 18.51
C LEU A 220 -6.90 -26.52 17.37
N LEU A 221 -6.52 -27.33 16.36
CA LEU A 221 -7.42 -27.60 15.24
C LEU A 221 -8.57 -28.50 15.67
N LYS A 222 -8.30 -29.51 16.49
CA LYS A 222 -9.38 -30.31 17.07
C LYS A 222 -10.36 -29.42 17.83
N ARG A 223 -9.85 -28.38 18.50
CA ARG A 223 -10.72 -27.53 19.28
C ARG A 223 -11.54 -26.56 18.41
N HIS A 224 -10.90 -25.94 17.40
CA HIS A 224 -11.55 -24.86 16.65
C HIS A 224 -11.67 -25.16 15.15
N GLY A 225 -11.76 -26.44 14.77
CA GLY A 225 -11.77 -26.77 13.35
C GLY A 225 -12.93 -26.17 12.59
N HIS A 226 -14.14 -26.30 13.15
CA HIS A 226 -15.33 -25.77 12.48
C HIS A 226 -15.25 -24.26 12.29
N ASP A 227 -14.54 -23.55 13.16
CA ASP A 227 -14.48 -22.10 13.12
C ASP A 227 -13.24 -21.55 12.40
N CYS A 228 -12.33 -22.41 11.92
CA CYS A 228 -11.09 -21.95 11.32
C CYS A 228 -11.32 -21.64 9.85
N ALA A 229 -11.22 -20.36 9.48
CA ALA A 229 -11.40 -20.01 8.08
C ALA A 229 -10.12 -20.19 7.28
N ALA A 230 -8.96 -20.04 7.93
CA ALA A 230 -7.70 -20.08 7.21
C ALA A 230 -6.56 -20.37 8.18
N ILE A 231 -5.51 -20.96 7.64
CA ILE A 231 -4.23 -21.11 8.32
C ILE A 231 -3.25 -20.28 7.52
N LEU A 232 -2.76 -19.20 8.13
CA LEU A 232 -1.84 -18.27 7.49
C LEU A 232 -0.43 -18.61 7.98
N VAL A 233 0.47 -18.94 7.07
CA VAL A 233 1.79 -19.39 7.47
C VAL A 233 2.84 -18.93 6.48
N GLU A 234 4.04 -18.59 7.00
CA GLU A 234 5.23 -18.35 6.20
C GLU A 234 6.04 -19.63 6.09
N PRO A 235 6.51 -20.00 4.89
CA PRO A 235 7.45 -21.13 4.79
C PRO A 235 8.76 -20.92 5.54
N MET A 236 9.02 -19.70 6.02
CA MET A 236 10.14 -19.45 6.93
C MET A 236 9.78 -18.25 7.78
N LEU A 237 10.01 -18.35 9.10
CA LEU A 237 9.66 -17.27 10.01
C LEU A 237 10.55 -16.07 9.70
N GLY A 238 9.99 -15.11 8.99
CA GLY A 238 10.74 -13.93 8.58
C GLY A 238 11.24 -13.07 9.72
N ALA A 239 10.32 -12.40 10.43
CA ALA A 239 10.73 -11.58 11.56
C ALA A 239 11.12 -12.42 12.77
N GLY A 240 10.61 -13.65 12.86
CA GLY A 240 10.94 -14.52 13.98
C GLY A 240 12.40 -14.92 14.05
N GLY A 241 13.17 -14.70 12.98
CA GLY A 241 14.59 -15.01 13.01
C GLY A 241 15.03 -15.98 11.92
N CYS A 242 14.39 -15.90 10.76
CA CYS A 242 14.65 -16.78 9.62
C CYS A 242 14.74 -18.24 10.08
N VAL A 243 13.68 -18.69 10.73
CA VAL A 243 13.56 -20.07 11.18
C VAL A 243 12.87 -20.86 10.07
N PRO A 244 13.58 -21.73 9.37
CA PRO A 244 12.92 -22.50 8.30
C PRO A 244 11.81 -23.36 8.86
N ALA A 245 10.71 -23.44 8.11
CA ALA A 245 9.65 -24.36 8.47
C ALA A 245 10.06 -25.79 8.11
N GLU A 246 9.92 -26.70 9.06
CA GLU A 246 10.05 -28.10 8.72
C GLU A 246 9.01 -28.46 7.67
N ARG A 247 9.44 -29.19 6.64
CA ARG A 247 8.57 -29.43 5.50
C ARG A 247 7.36 -30.28 5.88
N ALA A 248 7.57 -31.30 6.72
CA ALA A 248 6.45 -32.09 7.21
C ALA A 248 5.45 -31.22 7.96
N PHE A 249 5.93 -30.19 8.65
CA PHE A 249 5.04 -29.25 9.34
C PHE A 249 4.08 -28.57 8.36
N LEU A 250 4.61 -28.11 7.22
CA LEU A 250 3.77 -27.44 6.23
C LEU A 250 2.82 -28.43 5.55
N ASP A 251 3.31 -29.62 5.19
CA ASP A 251 2.44 -30.61 4.59
C ASP A 251 1.33 -31.03 5.54
N LEU A 252 1.62 -31.08 6.83
CA LEU A 252 0.59 -31.41 7.82
C LEU A 252 -0.38 -30.27 8.03
N LEU A 253 0.09 -29.02 7.95
CA LEU A 253 -0.84 -27.90 7.93
C LEU A 253 -1.81 -28.02 6.76
N ARG A 254 -1.29 -28.44 5.60
CA ARG A 254 -2.15 -28.68 4.45
C ARG A 254 -3.17 -29.79 4.76
N ALA A 255 -2.71 -30.88 5.37
CA ALA A 255 -3.61 -31.97 5.72
C ALA A 255 -4.74 -31.49 6.64
N GLU A 256 -4.40 -30.70 7.66
CA GLU A 256 -5.42 -30.24 8.60
C GLU A 256 -6.38 -29.25 7.94
N ALA A 257 -5.84 -28.35 7.11
CA ALA A 257 -6.71 -27.43 6.38
C ALA A 257 -7.70 -28.20 5.51
N SER A 258 -7.22 -29.25 4.85
CA SER A 258 -8.12 -30.08 4.04
C SER A 258 -9.15 -30.78 4.92
N ARG A 259 -8.74 -31.28 6.08
CA ARG A 259 -9.64 -32.11 6.87
C ARG A 259 -10.74 -31.31 7.55
N CYS A 260 -10.45 -30.08 7.98
CA CYS A 260 -11.46 -29.29 8.67
C CYS A 260 -12.11 -28.21 7.80
N GLY A 261 -11.73 -28.10 6.53
CA GLY A 261 -12.34 -27.10 5.66
C GLY A 261 -11.74 -25.72 5.73
N ALA A 262 -10.64 -25.52 6.45
CA ALA A 262 -9.97 -24.24 6.45
C ALA A 262 -9.09 -24.12 5.20
N LEU A 263 -8.89 -22.89 4.75
CA LEU A 263 -7.99 -22.68 3.64
C LEU A 263 -6.54 -22.58 4.14
N LEU A 264 -5.59 -22.72 3.22
CA LEU A 264 -4.18 -22.55 3.54
C LEU A 264 -3.65 -21.35 2.78
N ILE A 265 -3.19 -20.33 3.50
CA ILE A 265 -2.56 -19.18 2.90
C ILE A 265 -1.07 -19.26 3.17
N PHE A 266 -0.29 -19.33 2.09
CA PHE A 266 1.15 -19.30 2.16
C PHE A 266 1.60 -17.87 1.87
N ASP A 267 2.20 -17.23 2.86
CA ASP A 267 2.74 -15.90 2.68
C ASP A 267 4.20 -16.08 2.27
N GLU A 268 4.46 -15.90 0.98
CA GLU A 268 5.81 -16.00 0.43
C GLU A 268 6.39 -14.64 0.11
N VAL A 269 5.95 -13.59 0.83
CA VAL A 269 6.49 -12.25 0.63
C VAL A 269 8.01 -12.27 0.73
N MET A 270 8.55 -13.07 1.64
CA MET A 270 9.99 -13.20 1.79
C MET A 270 10.54 -14.47 1.12
N THR A 271 9.85 -15.60 1.24
CA THR A 271 10.39 -16.87 0.79
C THR A 271 10.21 -17.12 -0.71
N SER A 272 9.45 -16.28 -1.42
CA SER A 272 9.20 -16.51 -2.84
C SER A 272 10.48 -16.52 -3.66
N ARG A 273 11.56 -15.95 -3.15
CA ARG A 273 12.83 -15.90 -3.87
C ARG A 273 13.61 -17.21 -3.79
N LEU A 274 13.18 -18.14 -2.94
CA LEU A 274 13.94 -19.37 -2.74
C LEU A 274 13.99 -20.22 -4.00
N SER A 275 13.04 -20.05 -4.91
CA SER A 275 13.08 -20.68 -6.23
C SER A 275 12.22 -19.86 -7.17
N GLY A 276 12.19 -20.26 -8.45
CA GLY A 276 11.32 -19.61 -9.40
C GLY A 276 9.85 -19.70 -9.02
N GLY A 277 9.48 -20.73 -8.28
CA GLY A 277 8.12 -20.86 -7.79
C GLY A 277 8.04 -20.88 -6.27
N GLY A 278 9.06 -20.34 -5.62
CA GLY A 278 9.06 -20.26 -4.17
C GLY A 278 9.20 -21.60 -3.47
N ALA A 279 9.16 -21.52 -2.14
CA ALA A 279 9.29 -22.72 -1.32
C ALA A 279 8.14 -23.68 -1.55
N GLN A 280 6.97 -23.19 -1.94
CA GLN A 280 5.87 -24.09 -2.26
C GLN A 280 6.19 -24.94 -3.48
N GLU A 281 6.88 -24.37 -4.46
CA GLU A 281 7.37 -25.18 -5.57
C GLU A 281 8.48 -26.11 -5.10
N MET A 282 9.29 -25.66 -4.14
CA MET A 282 10.37 -26.51 -3.65
C MET A 282 9.85 -27.71 -2.87
N LEU A 283 8.69 -27.60 -2.23
CA LEU A 283 8.16 -28.64 -1.36
C LEU A 283 6.97 -29.38 -1.96
N GLY A 284 6.47 -28.96 -3.11
CA GLY A 284 5.31 -29.60 -3.68
C GLY A 284 4.01 -29.37 -2.94
N ILE A 285 3.85 -28.21 -2.33
CA ILE A 285 2.63 -27.88 -1.60
C ILE A 285 1.80 -26.91 -2.45
N SER A 286 0.50 -27.13 -2.45
CA SER A 286 -0.45 -26.33 -3.23
C SER A 286 -1.31 -25.59 -2.23
N ALA A 287 -1.05 -24.29 -2.08
CA ALA A 287 -1.81 -23.52 -1.13
C ALA A 287 -3.19 -23.19 -1.70
N ASP A 288 -4.12 -22.85 -0.80
CA ASP A 288 -5.39 -22.29 -1.24
C ASP A 288 -5.19 -20.85 -1.69
N LEU A 289 -4.27 -20.14 -1.05
CA LEU A 289 -3.94 -18.76 -1.41
C LEU A 289 -2.44 -18.57 -1.21
N THR A 290 -1.87 -17.69 -2.02
CA THR A 290 -0.48 -17.30 -1.90
C THR A 290 -0.41 -15.79 -1.94
N THR A 291 0.42 -15.23 -1.07
CA THR A 291 0.70 -13.80 -1.07
C THR A 291 2.18 -13.57 -1.34
N LEU A 292 2.46 -12.61 -2.21
CA LEU A 292 3.80 -12.26 -2.65
C LEU A 292 4.04 -10.78 -2.37
N GLY A 293 5.32 -10.41 -2.29
CA GLY A 293 5.70 -9.12 -1.78
C GLY A 293 6.23 -8.10 -2.77
N LYS A 294 7.08 -7.20 -2.29
CA LYS A 294 7.35 -5.94 -2.96
C LYS A 294 8.36 -6.05 -4.09
N TYR A 295 9.34 -6.95 -4.00
CA TYR A 295 10.33 -7.04 -5.07
C TYR A 295 9.72 -7.50 -6.38
N ILE A 296 8.59 -8.20 -6.33
CA ILE A 296 7.92 -8.58 -7.57
C ILE A 296 7.47 -7.33 -8.32
N GLY A 297 7.21 -6.25 -7.60
CA GLY A 297 6.86 -4.98 -8.20
C GLY A 297 8.06 -4.10 -8.48
N GLY A 298 9.24 -4.71 -8.60
CA GLY A 298 10.43 -4.02 -9.03
C GLY A 298 11.12 -3.17 -7.97
N GLY A 299 10.74 -3.30 -6.70
CA GLY A 299 11.32 -2.50 -5.64
C GLY A 299 10.40 -1.41 -5.11
N MET A 300 9.23 -1.22 -5.72
CA MET A 300 8.27 -0.21 -5.29
C MET A 300 7.08 -0.89 -4.60
N SER A 301 6.19 -0.06 -4.05
CA SER A 301 5.06 -0.54 -3.27
C SER A 301 4.23 -1.52 -4.09
N PHE A 302 4.26 -2.79 -3.71
CA PHE A 302 3.55 -3.82 -4.46
C PHE A 302 3.32 -5.02 -3.55
N GLY A 303 2.17 -5.66 -3.74
CA GLY A 303 1.89 -6.96 -3.17
C GLY A 303 0.98 -7.70 -4.12
N ALA A 304 0.84 -9.01 -3.89
CA ALA A 304 -0.04 -9.78 -4.74
C ALA A 304 -0.66 -10.91 -3.92
N PHE A 305 -1.93 -11.20 -4.19
CA PHE A 305 -2.56 -12.35 -3.55
C PHE A 305 -3.39 -13.09 -4.58
N GLY A 306 -3.41 -14.41 -4.49
CA GLY A 306 -4.21 -15.14 -5.44
C GLY A 306 -4.19 -16.63 -5.22
N GLY A 307 -5.00 -17.30 -6.03
CA GLY A 307 -5.12 -18.75 -5.97
C GLY A 307 -6.41 -19.25 -6.59
N ARG A 308 -7.15 -20.07 -5.84
CA ARG A 308 -8.34 -20.75 -6.35
C ARG A 308 -9.32 -19.75 -6.95
N ARG A 309 -9.96 -20.18 -8.04
CA ARG A 309 -10.94 -19.32 -8.72
C ARG A 309 -12.16 -19.06 -7.83
N ASP A 310 -12.77 -20.14 -7.32
CA ASP A 310 -13.98 -19.99 -6.51
C ASP A 310 -13.73 -19.12 -5.27
N LEU A 311 -12.52 -19.18 -4.72
CA LEU A 311 -12.21 -18.38 -3.54
C LEU A 311 -12.01 -16.91 -3.91
N MET A 312 -11.40 -16.66 -5.06
CA MET A 312 -10.88 -15.34 -5.39
C MET A 312 -11.96 -14.50 -6.08
N GLU A 313 -12.29 -13.37 -5.48
CA GLU A 313 -13.27 -12.42 -5.99
C GLU A 313 -14.58 -13.09 -6.40
N HIS A 325 -14.16 1.41 -5.27
CA HIS A 325 -15.37 0.64 -5.55
C HIS A 325 -15.46 -0.55 -4.59
N ALA A 326 -15.57 -1.76 -5.15
CA ALA A 326 -15.55 -2.96 -4.33
C ALA A 326 -14.19 -3.17 -3.67
N GLY A 327 -13.12 -2.66 -4.28
CA GLY A 327 -11.79 -2.78 -3.72
C GLY A 327 -10.75 -2.08 -4.57
N THR A 328 -9.86 -1.32 -3.96
CA THR A 328 -8.83 -0.63 -4.72
C THR A 328 -7.71 -1.61 -5.06
N PHE A 329 -7.43 -1.74 -6.36
CA PHE A 329 -6.36 -2.61 -6.83
C PHE A 329 -5.23 -1.77 -7.42
N ASN A 330 -4.03 -2.32 -7.40
CA ASN A 330 -2.81 -1.57 -7.71
C ASN A 330 -2.42 -1.79 -9.17
N ASN A 331 -2.35 -0.70 -9.92
CA ASN A 331 -1.91 -0.73 -11.32
C ASN A 331 -0.96 0.43 -11.59
N ASN A 332 -0.22 0.86 -10.58
CA ASN A 332 0.68 2.00 -10.70
C ASN A 332 1.67 1.78 -11.85
N ILE A 333 1.83 2.82 -12.68
CA ILE A 333 2.56 2.70 -13.94
C ILE A 333 3.99 2.23 -13.71
N LEU A 334 4.71 2.89 -12.80
CA LEU A 334 6.10 2.52 -12.53
C LEU A 334 6.19 1.12 -11.95
N THR A 335 5.28 0.77 -11.03
CA THR A 335 5.36 -0.54 -10.38
C THR A 335 5.14 -1.65 -11.39
N MET A 336 4.08 -1.54 -12.20
CA MET A 336 3.82 -2.55 -13.23
C MET A 336 5.01 -2.69 -14.16
N SER A 337 5.52 -1.56 -14.68
CA SER A 337 6.60 -1.63 -15.66
C SER A 337 7.87 -2.22 -15.05
N ALA A 338 8.29 -1.71 -13.88
CA ALA A 338 9.53 -2.15 -13.26
C ALA A 338 9.45 -3.62 -12.88
N GLY A 339 8.36 -4.03 -12.23
CA GLY A 339 8.22 -5.43 -11.86
C GLY A 339 8.22 -6.35 -13.05
N HIS A 340 7.52 -5.96 -14.13
CA HIS A 340 7.49 -6.79 -15.33
C HIS A 340 8.87 -6.95 -15.93
N ALA A 341 9.56 -5.83 -16.18
CA ALA A 341 10.88 -5.90 -16.78
C ALA A 341 11.83 -6.71 -15.89
N ALA A 342 11.76 -6.49 -14.58
CA ALA A 342 12.63 -7.19 -13.66
C ALA A 342 12.41 -8.69 -13.71
N LEU A 343 11.15 -9.12 -13.68
CA LEU A 343 10.87 -10.55 -13.67
C LEU A 343 11.25 -11.20 -14.99
N THR A 344 10.90 -10.56 -16.12
CA THR A 344 11.05 -11.25 -17.40
C THR A 344 12.48 -11.20 -17.93
N GLN A 345 13.26 -10.18 -17.57
CA GLN A 345 14.57 -10.01 -18.17
C GLN A 345 15.73 -10.13 -17.19
N ILE A 346 15.49 -10.05 -15.89
CA ILE A 346 16.55 -10.08 -14.89
C ILE A 346 16.37 -11.21 -13.89
N TYR A 347 15.16 -11.37 -13.35
CA TYR A 347 14.90 -12.37 -12.32
C TYR A 347 14.67 -13.75 -12.96
N THR A 348 15.72 -14.22 -13.63
CA THR A 348 15.70 -15.54 -14.23
C THR A 348 15.94 -16.60 -13.16
N ARG A 349 15.51 -17.83 -13.46
CA ARG A 349 15.75 -18.94 -12.55
C ARG A 349 17.23 -19.21 -12.38
N GLN A 350 18.03 -18.97 -13.42
CA GLN A 350 19.47 -19.19 -13.32
C GLN A 350 20.13 -18.21 -12.36
N ALA A 351 19.75 -16.94 -12.43
CA ALA A 351 20.29 -15.93 -11.52
C ALA A 351 19.83 -16.18 -10.09
N ALA A 352 18.55 -16.50 -9.91
CA ALA A 352 18.03 -16.76 -8.57
C ALA A 352 18.67 -18.01 -7.96
N SER A 353 18.90 -19.04 -8.79
CA SER A 353 19.54 -20.25 -8.29
C SER A 353 20.99 -19.98 -7.87
N ASP A 354 21.73 -19.25 -8.72
CA ASP A 354 23.09 -18.87 -8.35
C ASP A 354 23.09 -18.06 -7.06
N LEU A 355 22.14 -17.14 -6.91
CA LEU A 355 22.11 -16.29 -5.72
C LEU A 355 21.82 -17.11 -4.47
N SER A 356 20.86 -18.04 -4.54
CA SER A 356 20.54 -18.83 -3.36
C SER A 356 21.68 -19.79 -3.02
N ALA A 357 22.39 -20.30 -4.03
CA ALA A 357 23.56 -21.13 -3.75
C ALA A 357 24.67 -20.34 -3.10
N SER A 358 24.92 -19.12 -3.61
CA SER A 358 25.86 -18.23 -2.97
C SER A 358 25.48 -17.99 -1.52
N GLY A 359 24.19 -17.81 -1.26
CA GLY A 359 23.75 -17.64 0.13
C GLY A 359 24.01 -18.85 0.98
N ASP A 360 23.80 -20.05 0.43
CA ASP A 360 24.05 -21.28 1.19
C ASP A 360 25.52 -21.40 1.56
N ARG A 361 26.40 -21.33 0.55
CA ARG A 361 27.83 -21.44 0.80
C ARG A 361 28.31 -20.32 1.73
N PHE A 362 27.68 -19.15 1.65
CA PHE A 362 28.10 -18.02 2.45
C PHE A 362 27.68 -18.16 3.91
N ARG A 363 26.47 -18.65 4.16
CA ARG A 363 26.08 -18.98 5.52
C ARG A 363 27.01 -20.02 6.11
N ALA A 364 27.41 -21.00 5.29
CA ALA A 364 28.40 -21.97 5.76
C ALA A 364 29.69 -21.27 6.15
N ASN A 365 30.17 -20.34 5.33
CA ASN A 365 31.42 -19.64 5.61
C ASN A 365 31.34 -18.87 6.94
N LEU A 366 30.25 -18.13 7.13
CA LEU A 366 30.10 -17.34 8.36
C LEU A 366 29.96 -18.23 9.59
N ASN A 367 29.10 -19.25 9.51
CA ASN A 367 28.95 -20.15 10.65
C ASN A 367 30.24 -20.88 10.95
N ARG A 368 31.09 -21.08 9.95
CA ARG A 368 32.38 -21.71 10.21
C ARG A 368 33.39 -20.74 10.80
N ILE A 369 33.27 -19.45 10.50
CA ILE A 369 33.99 -18.45 11.31
C ILE A 369 33.63 -18.64 12.77
N ALA A 370 32.33 -18.79 13.04
CA ALA A 370 31.90 -19.04 14.42
C ALA A 370 32.50 -20.33 14.98
N VAL A 371 32.47 -21.41 14.19
CA VAL A 371 32.88 -22.72 14.66
C VAL A 371 34.37 -22.76 14.97
N GLU A 372 35.18 -22.19 14.08
CA GLU A 372 36.63 -22.17 14.30
C GLU A 372 36.98 -21.41 15.57
N ASN A 373 36.37 -20.23 15.76
CA ASN A 373 36.64 -19.39 16.92
C ASN A 373 35.92 -19.86 18.18
N GLN A 374 35.26 -21.02 18.12
CA GLN A 374 34.56 -21.64 19.26
C GLN A 374 33.55 -20.69 19.91
N ALA A 375 32.85 -19.91 19.07
CA ALA A 375 31.84 -18.95 19.52
C ALA A 375 30.45 -19.42 19.12
N PRO A 376 29.48 -19.41 20.05
CA PRO A 376 28.13 -19.93 19.77
C PRO A 376 27.20 -18.86 19.21
N LEU A 377 27.54 -18.31 18.07
CA LEU A 377 26.63 -17.51 17.27
C LEU A 377 26.34 -18.28 15.99
N GLN A 378 25.20 -18.01 15.39
CA GLN A 378 24.87 -18.79 14.20
C GLN A 378 24.12 -17.92 13.20
N PHE A 379 24.28 -18.25 11.93
CA PHE A 379 23.44 -17.71 10.88
C PHE A 379 22.44 -18.79 10.47
N THR A 380 21.16 -18.46 10.54
CA THR A 380 20.08 -19.37 10.14
C THR A 380 19.32 -18.79 8.96
N GLY A 381 18.75 -19.67 8.15
CA GLY A 381 17.90 -19.21 7.07
C GLY A 381 17.88 -20.22 5.93
N LEU A 382 17.61 -19.70 4.74
CA LEU A 382 17.55 -20.53 3.54
C LEU A 382 18.05 -19.72 2.35
N GLY A 383 18.77 -20.38 1.46
CA GLY A 383 19.25 -19.74 0.25
C GLY A 383 20.04 -18.49 0.56
N SER A 384 19.64 -17.38 -0.07
CA SER A 384 20.33 -16.10 0.06
C SER A 384 19.78 -15.25 1.19
N LEU A 385 19.02 -15.83 2.11
CA LEU A 385 18.51 -15.08 3.26
C LEU A 385 18.89 -15.79 4.55
N GLY A 386 19.56 -15.06 5.43
CA GLY A 386 20.01 -15.58 6.71
C GLY A 386 19.93 -14.51 7.77
N THR A 387 20.24 -14.90 9.01
CA THR A 387 20.21 -13.96 10.11
C THR A 387 21.06 -14.48 11.25
N ILE A 388 21.74 -13.57 11.93
CA ILE A 388 22.61 -13.93 13.04
C ILE A 388 21.79 -14.04 14.33
N HIS A 389 22.11 -15.05 15.12
CA HIS A 389 21.51 -15.30 16.42
C HIS A 389 22.64 -15.48 17.44
N PHE A 390 22.46 -14.85 18.61
CA PHE A 390 23.46 -14.88 19.65
C PHE A 390 23.70 -16.28 20.23
N SER A 391 22.72 -17.16 20.12
CA SER A 391 22.87 -18.54 20.58
C SER A 391 23.22 -19.47 19.43
N ARG A 392 23.86 -20.59 19.77
CA ARG A 392 24.12 -21.67 18.82
C ARG A 392 23.12 -22.82 18.95
N ALA A 393 22.11 -22.67 19.80
CA ALA A 393 21.13 -23.73 19.99
C ALA A 393 20.32 -23.95 18.72
N PRO A 394 19.94 -25.19 18.42
CA PRO A 394 19.10 -25.44 17.24
C PRO A 394 17.74 -24.76 17.39
N ILE A 395 17.39 -23.95 16.39
CA ILE A 395 16.18 -23.13 16.43
C ILE A 395 15.09 -23.79 15.62
N ARG A 396 14.00 -24.16 16.28
CA ARG A 396 12.81 -24.69 15.62
C ARG A 396 11.63 -23.74 15.66
N SER A 397 11.50 -22.93 16.70
CA SER A 397 10.42 -21.95 16.82
C SER A 397 10.98 -20.69 17.44
N ALA A 398 10.12 -19.69 17.63
CA ALA A 398 10.55 -18.44 18.24
C ALA A 398 11.08 -18.66 19.65
N GLY A 399 10.41 -19.53 20.43
CA GLY A 399 10.81 -19.80 21.79
C GLY A 399 12.25 -20.27 21.94
N ASP A 400 12.89 -20.69 20.85
CA ASP A 400 14.26 -21.18 20.92
C ASP A 400 15.29 -20.06 20.86
N VAL A 401 14.88 -18.83 20.51
CA VAL A 401 15.79 -17.70 20.57
C VAL A 401 15.97 -17.23 22.00
N ARG A 402 15.38 -17.94 22.97
CA ARG A 402 15.64 -17.72 24.38
C ARG A 402 17.12 -17.91 24.69
N ASP A 405 21.23 -12.60 23.96
CA ASP A 405 21.55 -11.28 24.48
C ASP A 405 21.84 -10.33 23.33
N GLN A 406 21.10 -9.22 23.30
CA GLN A 406 21.12 -8.29 22.18
C GLN A 406 22.37 -7.43 22.13
N GLN A 407 23.13 -7.35 23.22
CA GLN A 407 24.34 -6.53 23.23
C GLN A 407 25.43 -7.15 22.38
N LEU A 408 25.49 -8.49 22.30
CA LEU A 408 26.47 -9.13 21.43
C LEU A 408 26.15 -8.84 19.97
N LYS A 409 24.87 -8.91 19.60
CA LYS A 409 24.46 -8.58 18.24
C LYS A 409 24.73 -7.12 17.93
N GLU A 410 24.48 -6.22 18.89
CA GLU A 410 24.75 -4.80 18.67
C GLU A 410 26.24 -4.54 18.49
N LEU A 411 27.07 -5.18 19.32
CA LEU A 411 28.52 -5.04 19.19
C LEU A 411 28.98 -5.53 17.82
N PHE A 412 28.49 -6.68 17.39
CA PHE A 412 28.83 -7.20 16.06
C PHE A 412 28.40 -6.24 14.97
N PHE A 413 27.16 -5.75 15.05
CA PHE A 413 26.63 -4.85 14.02
C PHE A 413 27.49 -3.59 13.91
N PHE A 414 27.80 -2.96 15.04
CA PHE A 414 28.59 -1.74 15.00
C PHE A 414 30.00 -2.01 14.51
N HIS A 415 30.59 -3.15 14.90
CA HIS A 415 31.93 -3.48 14.46
C HIS A 415 31.99 -3.72 12.95
N MET A 416 31.01 -4.46 12.42
CA MET A 416 30.98 -4.71 10.98
C MET A 416 30.64 -3.44 10.21
N LEU A 417 29.86 -2.53 10.81
CA LEU A 417 29.67 -1.21 10.23
C LEU A 417 31.01 -0.48 10.11
N ARG A 418 31.79 -0.48 11.19
CA ARG A 418 33.11 0.13 11.15
C ARG A 418 33.98 -0.52 10.07
N LYS A 419 33.74 -1.79 9.76
CA LYS A 419 34.45 -2.48 8.69
C LYS A 419 33.79 -2.31 7.33
N GLY A 420 32.68 -1.57 7.25
CA GLY A 420 32.04 -1.30 5.98
C GLY A 420 31.01 -2.31 5.52
N ILE A 421 30.44 -3.09 6.43
CA ILE A 421 29.39 -4.05 6.11
C ILE A 421 28.11 -3.63 6.83
N TYR A 422 27.03 -3.50 6.07
CA TYR A 422 25.75 -3.03 6.60
C TYR A 422 24.72 -4.16 6.63
N LEU A 423 24.11 -4.36 7.79
CA LEU A 423 22.98 -5.29 7.92
C LEU A 423 22.12 -4.81 9.09
N ALA A 424 20.96 -5.45 9.25
CA ALA A 424 20.02 -5.04 10.28
C ALA A 424 20.65 -5.15 11.66
N PRO A 425 20.28 -4.27 12.59
CA PRO A 425 20.78 -4.40 13.96
C PRO A 425 20.34 -5.71 14.59
N ARG A 426 19.20 -6.24 14.17
CA ARG A 426 18.77 -7.58 14.54
C ARG A 426 19.61 -8.66 13.87
N GLY A 427 20.39 -8.32 12.84
CA GLY A 427 21.33 -9.25 12.26
C GLY A 427 20.91 -9.91 10.96
N MET A 428 19.96 -9.33 10.23
CA MET A 428 19.42 -9.97 9.04
C MET A 428 20.27 -9.68 7.81
N TYR A 429 20.44 -10.70 6.96
CA TYR A 429 21.15 -10.57 5.69
C TYR A 429 20.28 -11.15 4.57
N ALA A 430 20.14 -10.39 3.49
CA ALA A 430 19.44 -10.86 2.29
C ALA A 430 20.28 -10.42 1.11
N LEU A 431 20.93 -11.36 0.46
CA LEU A 431 21.82 -11.03 -0.65
C LEU A 431 21.00 -10.54 -1.82
N SER A 432 21.56 -9.59 -2.56
CA SER A 432 20.95 -9.11 -3.78
C SER A 432 21.74 -9.66 -4.96
N LEU A 433 21.15 -9.58 -6.15
CA LEU A 433 21.80 -10.10 -7.34
C LEU A 433 23.16 -9.46 -7.57
N GLU A 434 23.39 -8.26 -7.03
CA GLU A 434 24.64 -7.54 -7.27
C GLU A 434 25.76 -8.03 -6.37
N ILE A 435 25.44 -8.54 -5.19
CA ILE A 435 26.49 -9.00 -4.28
C ILE A 435 27.10 -10.27 -4.86
N ALA A 436 28.43 -10.32 -4.90
CA ALA A 436 29.14 -11.36 -5.63
C ALA A 436 30.16 -12.02 -4.71
N ASP A 437 30.91 -12.97 -5.28
CA ASP A 437 31.88 -13.74 -4.52
C ASP A 437 32.88 -12.84 -3.80
N ALA A 438 33.22 -11.70 -4.41
CA ALA A 438 34.11 -10.74 -3.74
C ALA A 438 33.44 -10.12 -2.52
N GLY A 439 32.15 -9.76 -2.64
CA GLY A 439 31.42 -9.27 -1.48
C GLY A 439 31.35 -10.31 -0.38
N ARG A 440 31.13 -11.57 -0.77
CA ARG A 440 31.09 -12.65 0.23
C ARG A 440 32.45 -12.81 0.91
N ASP A 441 33.53 -12.72 0.13
CA ASP A 441 34.86 -12.83 0.72
C ASP A 441 35.10 -11.70 1.71
N ALA A 442 34.75 -10.48 1.32
CA ALA A 442 34.95 -9.34 2.21
C ALA A 442 34.13 -9.47 3.49
N PHE A 443 32.87 -9.90 3.37
CA PHE A 443 32.04 -10.07 4.56
C PHE A 443 32.59 -11.17 5.47
N ALA A 444 33.05 -12.28 4.89
CA ALA A 444 33.56 -13.37 5.70
C ALA A 444 34.85 -12.95 6.42
N GLU A 445 35.74 -12.25 5.71
CA GLU A 445 36.97 -11.75 6.35
C GLU A 445 36.65 -10.72 7.43
N ALA A 446 35.65 -9.87 7.19
CA ALA A 446 35.26 -8.89 8.21
C ALA A 446 34.75 -9.57 9.47
N LEU A 447 33.87 -10.56 9.31
CA LEU A 447 33.40 -11.32 10.47
C LEU A 447 34.56 -12.02 11.17
N ALA A 448 35.50 -12.56 10.39
CA ALA A 448 36.67 -13.22 10.98
C ALA A 448 37.46 -12.26 11.85
N ASP A 449 37.76 -11.07 11.33
CA ASP A 449 38.54 -10.10 12.08
C ASP A 449 37.78 -9.61 13.31
N PHE A 450 36.48 -9.37 13.17
CA PHE A 450 35.69 -8.89 14.30
C PHE A 450 35.62 -9.94 15.41
N ILE A 451 35.43 -11.21 15.05
CA ILE A 451 35.37 -12.25 16.07
C ILE A 451 36.75 -12.47 16.68
N GLY A 452 37.80 -12.35 15.89
CA GLY A 452 39.15 -12.44 16.43
C GLY A 452 39.43 -11.36 17.47
N GLU A 453 39.02 -10.13 17.17
CA GLU A 453 39.29 -9.03 18.10
C GLU A 453 38.37 -9.08 19.32
N GLN A 454 37.09 -9.39 19.12
CA GLN A 454 36.10 -9.39 20.19
C GLN A 454 35.90 -10.79 20.77
N ARG A 455 36.95 -11.63 20.66
CA ARG A 455 36.84 -13.04 21.02
C ARG A 455 36.48 -13.23 22.50
N ALA A 456 37.10 -12.45 23.38
CA ALA A 456 36.90 -12.64 24.82
C ALA A 456 35.53 -12.20 25.30
N LEU A 457 34.77 -11.46 24.50
CA LEU A 457 33.48 -10.92 24.92
C LEU A 457 32.30 -11.77 24.52
N LEU A 458 32.48 -12.77 23.66
CA LEU A 458 31.39 -13.58 23.18
C LEU A 458 31.27 -14.84 24.02
N MET A 459 30.09 -15.45 23.98
CA MET A 459 29.86 -16.69 24.70
C MET A 459 30.78 -17.79 24.17
N ALA A 460 30.75 -18.93 24.84
CA ALA A 460 31.49 -20.11 24.40
C ALA A 460 30.54 -21.12 23.77
N ALA A 461 31.00 -21.75 22.68
CA ALA A 461 30.18 -22.74 21.97
C ALA A 461 29.92 -23.97 22.82
N ALA B 31 -37.13 -0.03 -27.10
CA ALA B 31 -37.26 1.36 -26.70
C ALA B 31 -36.16 2.21 -27.33
N GLU B 32 -36.47 3.48 -27.59
CA GLU B 32 -35.48 4.37 -28.19
C GLU B 32 -34.27 4.51 -27.30
N LYS B 33 -34.46 4.51 -25.98
CA LYS B 33 -33.33 4.57 -25.06
C LYS B 33 -32.47 3.31 -25.17
N ALA B 34 -33.11 2.14 -25.15
CA ALA B 34 -32.36 0.89 -25.31
C ALA B 34 -31.70 0.81 -26.67
N GLN B 35 -32.41 1.22 -27.73
CA GLN B 35 -31.84 1.15 -29.07
C GLN B 35 -30.66 2.11 -29.22
N ALA B 36 -30.77 3.30 -28.65
CA ALA B 36 -29.68 4.27 -28.77
C ALA B 36 -28.47 3.85 -27.95
N ILE B 37 -28.69 3.33 -26.74
CA ILE B 37 -27.55 2.87 -25.95
C ILE B 37 -26.91 1.65 -26.61
N ALA B 38 -27.72 0.79 -27.27
CA ALA B 38 -27.15 -0.34 -27.99
C ALA B 38 -26.34 0.11 -29.19
N ALA B 39 -26.84 1.11 -29.93
CA ALA B 39 -26.10 1.62 -31.08
C ALA B 39 -24.79 2.27 -30.65
N ALA B 40 -24.84 3.08 -29.59
CA ALA B 40 -23.63 3.73 -29.10
C ALA B 40 -22.63 2.72 -28.55
N ARG B 41 -23.12 1.67 -27.88
CA ARG B 41 -22.23 0.66 -27.33
C ARG B 41 -21.60 -0.19 -28.43
N ASN B 42 -22.36 -0.53 -29.47
CA ASN B 42 -21.79 -1.24 -30.60
C ASN B 42 -20.74 -0.38 -31.29
N THR B 43 -21.00 0.92 -31.40
CA THR B 43 -20.03 1.82 -32.02
C THR B 43 -18.77 1.95 -31.15
N PHE B 44 -18.94 1.95 -29.83
CA PHE B 44 -17.79 1.96 -28.93
C PHE B 44 -16.96 0.69 -29.08
N ALA B 45 -17.62 -0.46 -29.12
CA ALA B 45 -16.91 -1.73 -29.26
C ALA B 45 -16.19 -1.82 -30.59
N ARG B 46 -16.85 -1.44 -31.68
CA ARG B 46 -16.19 -1.42 -32.98
C ARG B 46 -15.10 -0.36 -33.06
N ASP B 47 -15.20 0.68 -32.23
CA ASP B 47 -14.23 1.77 -32.24
C ASP B 47 -12.91 1.36 -31.61
N ASN B 48 -12.94 0.53 -30.58
CA ASN B 48 -11.78 0.25 -29.74
C ASN B 48 -11.52 -1.25 -29.69
N PRO B 49 -11.04 -1.84 -30.77
CA PRO B 49 -10.73 -3.28 -30.74
C PRO B 49 -9.52 -3.62 -29.89
N VAL B 50 -8.59 -2.68 -29.70
CA VAL B 50 -7.38 -3.00 -28.96
C VAL B 50 -7.68 -3.12 -27.46
N SER B 51 -8.56 -2.28 -26.95
CA SER B 51 -9.00 -2.44 -25.56
C SER B 51 -9.72 -3.76 -25.37
N ALA B 52 -10.50 -4.18 -26.37
CA ALA B 52 -11.16 -5.48 -26.30
C ALA B 52 -10.14 -6.62 -26.30
N GLY B 53 -9.11 -6.51 -27.14
CA GLY B 53 -8.08 -7.54 -27.16
C GLY B 53 -7.33 -7.63 -25.84
N HIS B 54 -7.06 -6.47 -25.22
CA HIS B 54 -6.39 -6.49 -23.92
C HIS B 54 -7.31 -7.07 -22.84
N HIS B 55 -8.60 -6.74 -22.89
CA HIS B 55 -9.56 -7.36 -21.97
C HIS B 55 -9.58 -8.88 -22.15
N GLU B 56 -9.49 -9.33 -23.40
CA GLU B 56 -9.45 -10.77 -23.69
C GLU B 56 -8.18 -11.41 -23.11
N ARG B 57 -7.02 -10.79 -23.34
CA ARG B 57 -5.77 -11.33 -22.85
C ARG B 57 -5.73 -11.35 -21.32
N ALA B 58 -6.36 -10.37 -20.68
CA ALA B 58 -6.39 -10.34 -19.22
C ALA B 58 -7.26 -11.46 -18.63
N ARG B 59 -8.19 -12.00 -19.40
CA ARG B 59 -9.06 -13.07 -18.93
C ARG B 59 -8.26 -14.31 -18.52
N ARG B 74 -22.49 -4.99 -19.95
CA ARG B 74 -21.24 -4.46 -19.44
C ARG B 74 -20.14 -4.50 -20.51
N PRO B 75 -19.99 -3.43 -21.26
CA PRO B 75 -18.97 -3.38 -22.29
C PRO B 75 -17.58 -3.24 -21.68
N PHE B 76 -16.58 -3.67 -22.45
CA PHE B 76 -15.22 -3.71 -21.93
C PHE B 76 -14.76 -2.31 -21.52
N PRO B 77 -13.88 -2.21 -20.54
CA PRO B 77 -13.34 -0.91 -20.16
C PRO B 77 -12.32 -0.41 -21.17
N LEU B 78 -12.14 0.91 -21.20
CA LEU B 78 -11.12 1.50 -22.05
C LEU B 78 -9.76 1.25 -21.43
N VAL B 79 -8.81 0.82 -22.25
CA VAL B 79 -7.44 0.55 -21.82
C VAL B 79 -6.57 1.67 -22.37
N ILE B 80 -5.90 2.40 -21.47
CA ILE B 80 -5.16 3.60 -21.83
C ILE B 80 -3.69 3.24 -22.02
N ALA B 81 -3.09 3.82 -23.06
CA ALA B 81 -1.72 3.54 -23.45
C ALA B 81 -0.75 4.60 -22.94
N GLN B 82 -1.07 5.89 -23.11
CA GLN B 82 -0.14 6.93 -22.69
C GLN B 82 -0.93 8.14 -22.19
N GLY B 83 -0.19 9.11 -21.65
CA GLY B 83 -0.81 10.30 -21.12
C GLY B 83 0.16 11.46 -21.10
N THR B 84 -0.39 12.67 -21.19
CA THR B 84 0.42 13.88 -21.16
C THR B 84 -0.44 15.05 -20.75
N GLY B 85 -0.05 15.74 -19.68
CA GLY B 85 -0.83 16.86 -19.20
C GLY B 85 -2.22 16.41 -18.80
N SER B 86 -3.23 17.03 -19.42
CA SER B 86 -4.62 16.68 -19.20
C SER B 86 -5.16 15.74 -20.28
N ARG B 87 -4.29 15.02 -20.98
CA ARG B 87 -4.68 14.18 -22.10
C ARG B 87 -4.34 12.73 -21.82
N PHE B 88 -5.20 11.83 -22.29
CA PHE B 88 -5.02 10.40 -22.21
C PHE B 88 -5.21 9.77 -23.59
N GLN B 89 -4.33 8.85 -23.97
CA GLN B 89 -4.43 8.11 -25.22
C GLN B 89 -4.65 6.64 -24.91
N ASP B 90 -5.74 6.08 -25.42
CA ASP B 90 -6.06 4.69 -25.20
C ASP B 90 -5.18 3.82 -26.11
N VAL B 91 -5.37 2.50 -26.00
CA VAL B 91 -4.54 1.59 -26.77
C VAL B 91 -4.86 1.64 -28.26
N ASP B 92 -6.00 2.21 -28.65
CA ASP B 92 -6.32 2.39 -30.06
C ASP B 92 -5.89 3.74 -30.61
N GLY B 93 -5.24 4.58 -29.80
CA GLY B 93 -4.72 5.84 -30.30
C GLY B 93 -5.66 7.02 -30.20
N HIS B 94 -6.84 6.84 -29.60
CA HIS B 94 -7.77 7.94 -29.45
C HIS B 94 -7.31 8.83 -28.30
N ALA B 95 -7.28 10.13 -28.54
CA ALA B 95 -6.93 11.10 -27.52
C ALA B 95 -8.18 11.65 -26.86
N TYR B 96 -8.13 11.78 -25.54
CA TYR B 96 -9.25 12.28 -24.75
C TYR B 96 -8.72 13.28 -23.75
N VAL B 97 -9.55 14.26 -23.41
CA VAL B 97 -9.28 15.11 -22.26
C VAL B 97 -9.76 14.39 -21.01
N ASN B 98 -8.86 14.21 -20.04
CA ASN B 98 -9.14 13.36 -18.89
C ASN B 98 -9.79 14.21 -17.81
N PHE B 99 -11.13 14.18 -17.78
CA PHE B 99 -11.88 14.89 -16.75
C PHE B 99 -11.92 14.09 -15.45
N LEU B 100 -11.72 12.77 -15.52
CA LEU B 100 -11.84 11.93 -14.34
C LEU B 100 -10.69 12.12 -13.37
N GLY B 101 -9.53 12.56 -13.87
CA GLY B 101 -8.42 12.88 -13.00
C GLY B 101 -8.01 11.75 -12.10
N GLU B 102 -8.20 10.50 -12.55
CA GLU B 102 -7.81 9.32 -11.80
C GLU B 102 -8.46 9.30 -10.41
N TYR B 103 -9.75 9.63 -10.39
CA TYR B 103 -10.54 9.66 -9.15
C TYR B 103 -9.85 10.52 -8.09
N THR B 104 -9.42 11.71 -8.51
CA THR B 104 -8.77 12.77 -7.75
C THR B 104 -7.30 12.47 -7.46
N ALA B 105 -6.79 11.30 -7.84
CA ALA B 105 -5.40 10.97 -7.54
C ALA B 105 -4.41 11.65 -8.48
N GLY B 106 -4.79 11.85 -9.74
CA GLY B 106 -3.89 12.45 -10.71
C GLY B 106 -3.99 13.96 -10.76
N LEU B 107 -3.87 14.62 -9.60
CA LEU B 107 -4.07 16.06 -9.55
C LEU B 107 -3.02 16.83 -10.34
N PHE B 108 -1.80 16.31 -10.41
CA PHE B 108 -0.71 17.02 -11.06
C PHE B 108 -0.66 16.78 -12.55
N GLY B 109 -1.55 15.95 -13.09
CA GLY B 109 -1.49 15.56 -14.48
C GLY B 109 -0.53 14.40 -14.69
N HIS B 110 -0.49 13.93 -15.93
CA HIS B 110 0.27 12.73 -16.25
C HIS B 110 1.75 13.01 -16.49
N SER B 111 2.12 14.24 -16.87
CA SER B 111 3.50 14.56 -17.19
C SER B 111 3.90 15.94 -16.65
N HIS B 112 3.95 16.09 -15.33
CA HIS B 112 4.41 17.38 -14.84
C HIS B 112 5.94 17.40 -14.78
N PRO B 113 6.58 18.45 -15.30
CA PRO B 113 8.05 18.43 -15.40
C PRO B 113 8.77 18.33 -14.06
N VAL B 114 8.33 19.08 -13.04
CA VAL B 114 9.05 19.08 -11.77
C VAL B 114 8.98 17.70 -11.11
N ILE B 115 7.81 17.07 -11.15
CA ILE B 115 7.65 15.74 -10.59
C ILE B 115 8.48 14.71 -11.35
N ARG B 116 8.43 14.78 -12.69
CA ARG B 116 9.21 13.84 -13.49
C ARG B 116 10.70 13.96 -13.22
N ALA B 117 11.21 15.19 -13.14
CA ALA B 117 12.63 15.38 -12.87
C ALA B 117 13.00 14.92 -11.47
N ALA B 118 12.11 15.16 -10.49
CA ALA B 118 12.37 14.67 -9.14
C ALA B 118 12.43 13.15 -9.10
N VAL B 119 11.49 12.48 -9.80
CA VAL B 119 11.48 11.03 -9.81
C VAL B 119 12.74 10.50 -10.50
N GLU B 120 13.16 11.15 -11.60
CA GLU B 120 14.36 10.71 -12.30
C GLU B 120 15.59 10.85 -11.42
N ARG B 121 15.73 11.97 -10.71
CA ARG B 121 16.87 12.16 -9.82
C ARG B 121 16.87 11.14 -8.69
N ALA B 122 15.70 10.90 -8.09
CA ALA B 122 15.60 9.89 -7.04
C ALA B 122 15.97 8.51 -7.56
N LEU B 123 15.50 8.18 -8.77
CA LEU B 123 15.85 6.92 -9.40
C LEU B 123 17.36 6.79 -9.58
N ALA B 124 18.00 7.86 -10.06
CA ALA B 124 19.43 7.81 -10.34
C ALA B 124 20.27 7.72 -9.07
N VAL B 125 19.82 8.32 -7.96
CA VAL B 125 20.60 8.19 -6.73
C VAL B 125 20.41 6.86 -6.04
N GLY B 126 19.48 6.03 -6.49
CA GLY B 126 19.37 4.66 -6.00
C GLY B 126 17.99 4.25 -5.53
N LEU B 127 17.55 3.09 -5.99
CA LEU B 127 16.28 2.50 -5.57
C LEU B 127 16.45 1.68 -4.30
N ASN B 128 15.34 1.46 -3.61
CA ASN B 128 15.29 0.60 -2.43
C ASN B 128 16.35 1.00 -1.42
N LEU B 129 16.27 2.26 -0.99
CA LEU B 129 17.16 2.68 0.08
C LEU B 129 16.65 2.13 1.41
N SER B 130 17.44 2.35 2.46
CA SER B 130 17.15 1.79 3.77
C SER B 130 15.91 2.45 4.37
N THR B 131 15.57 2.03 5.59
CA THR B 131 14.43 2.56 6.32
C THR B 131 14.58 4.03 6.73
N GLN B 132 15.75 4.64 6.54
CA GLN B 132 15.97 6.01 7.01
C GLN B 132 16.59 6.87 5.93
N THR B 133 15.85 7.89 5.49
CA THR B 133 16.35 8.92 4.58
C THR B 133 15.79 10.27 5.00
N GLU B 134 16.39 11.35 4.46
CA GLU B 134 15.95 12.70 4.79
C GLU B 134 14.61 13.03 4.16
N ASN B 135 14.30 12.37 3.03
CA ASN B 135 13.12 12.71 2.26
C ASN B 135 11.86 12.57 3.11
N GLU B 136 11.82 11.56 3.97
CA GLU B 136 10.62 11.30 4.78
C GLU B 136 10.32 12.47 5.71
N ALA B 137 11.34 12.99 6.40
CA ALA B 137 11.09 14.09 7.30
C ALA B 137 10.78 15.38 6.54
N LEU B 138 11.50 15.66 5.45
CA LEU B 138 11.17 16.85 4.66
C LEU B 138 9.70 16.81 4.22
N PHE B 139 9.28 15.65 3.72
CA PHE B 139 7.90 15.47 3.28
C PHE B 139 6.91 15.60 4.43
N ALA B 140 7.22 14.98 5.57
CA ALA B 140 6.32 15.04 6.73
C ALA B 140 6.16 16.47 7.22
N GLU B 141 7.25 17.24 7.21
CA GLU B 141 7.16 18.63 7.65
C GLU B 141 6.35 19.46 6.65
N ALA B 142 6.48 19.17 5.36
CA ALA B 142 5.63 19.85 4.39
C ALA B 142 4.15 19.57 4.65
N VAL B 143 3.82 18.29 4.87
CA VAL B 143 2.42 17.91 5.11
C VAL B 143 1.91 18.56 6.40
N CYS B 144 2.71 18.52 7.47
CA CYS B 144 2.31 19.11 8.74
C CYS B 144 2.18 20.63 8.62
N ASP B 145 3.04 21.26 7.81
CA ASP B 145 2.85 22.66 7.46
C ASP B 145 1.47 22.86 6.86
N ARG B 146 1.06 21.96 5.96
CA ARG B 146 -0.26 22.06 5.36
C ARG B 146 -1.36 21.62 6.32
N PHE B 147 -1.08 20.66 7.20
CA PHE B 147 -2.06 20.13 8.14
C PHE B 147 -1.50 20.17 9.56
N PRO B 148 -1.39 21.36 10.16
CA PRO B 148 -0.79 21.45 11.50
C PRO B 148 -1.56 20.66 12.55
N SER B 149 -2.82 20.34 12.27
CA SER B 149 -3.58 19.42 13.11
C SER B 149 -2.86 18.09 13.30
N ILE B 150 -2.07 17.67 12.32
CA ILE B 150 -1.43 16.37 12.37
C ILE B 150 -0.13 16.46 13.16
N ASP B 151 -0.25 16.45 14.49
CA ASP B 151 0.92 16.64 15.33
C ASP B 151 2.00 15.60 15.04
N LEU B 152 1.62 14.34 14.89
CA LEU B 152 2.52 13.31 14.40
C LEU B 152 1.95 12.65 13.15
N VAL B 153 2.82 12.38 12.18
CA VAL B 153 2.47 11.84 10.87
C VAL B 153 3.10 10.46 10.72
N ARG B 154 2.40 9.57 10.01
CA ARG B 154 2.99 8.31 9.60
C ARG B 154 2.54 8.00 8.17
N PHE B 155 3.48 7.52 7.36
CA PHE B 155 3.24 7.24 5.96
C PHE B 155 2.92 5.77 5.74
N THR B 156 2.01 5.51 4.81
CA THR B 156 1.59 4.18 4.41
C THR B 156 1.65 4.10 2.89
N ASN B 157 1.33 2.94 2.35
CA ASN B 157 1.38 2.72 0.90
C ASN B 157 0.06 3.04 0.21
N SER B 158 -0.98 3.34 0.97
CA SER B 158 -2.29 3.63 0.37
C SER B 158 -3.15 4.34 1.41
N GLY B 159 -4.23 4.95 0.92
CA GLY B 159 -5.21 5.53 1.82
C GLY B 159 -5.97 4.47 2.60
N THR B 160 -6.17 3.30 1.99
CA THR B 160 -6.75 2.17 2.71
C THR B 160 -5.93 1.83 3.96
N GLU B 161 -4.61 1.72 3.77
CA GLU B 161 -3.73 1.45 4.91
C GLU B 161 -3.80 2.57 5.93
N ALA B 162 -3.92 3.82 5.46
CA ALA B 162 -3.99 4.95 6.38
C ALA B 162 -5.23 4.85 7.25
N ASN B 163 -6.39 4.56 6.65
CA ASN B 163 -7.62 4.43 7.42
C ASN B 163 -7.57 3.22 8.34
N LEU B 164 -6.97 2.13 7.88
CA LEU B 164 -6.83 0.95 8.73
C LEU B 164 -5.97 1.26 9.95
N MET B 165 -4.85 1.94 9.75
CA MET B 165 -3.97 2.28 10.86
C MET B 165 -4.63 3.27 11.81
N ALA B 166 -5.39 4.22 11.27
CA ALA B 166 -6.14 5.14 12.11
C ALA B 166 -7.15 4.40 12.99
N LEU B 167 -7.91 3.48 12.38
CA LEU B 167 -8.87 2.70 13.16
C LEU B 167 -8.17 1.84 14.22
N ALA B 168 -7.03 1.27 13.86
CA ALA B 168 -6.27 0.47 14.81
C ALA B 168 -5.84 1.30 16.01
N THR B 169 -5.32 2.50 15.74
CA THR B 169 -4.89 3.38 16.82
C THR B 169 -6.08 3.82 17.67
N ALA B 170 -7.24 4.04 17.04
CA ALA B 170 -8.43 4.42 17.79
C ALA B 170 -8.85 3.31 18.73
N THR B 171 -8.94 2.09 18.23
CA THR B 171 -9.32 0.96 19.07
C THR B 171 -8.29 0.70 20.17
N ALA B 172 -7.00 0.91 19.86
CA ALA B 172 -5.96 0.67 20.85
C ALA B 172 -6.02 1.69 21.99
N ILE B 173 -6.14 2.98 21.66
CA ILE B 173 -6.17 3.98 22.72
C ILE B 173 -7.45 3.86 23.54
N THR B 174 -8.60 3.68 22.89
CA THR B 174 -9.85 3.71 23.63
C THR B 174 -10.21 2.36 24.25
N GLY B 175 -9.70 1.26 23.70
CA GLY B 175 -10.13 -0.05 24.13
C GLY B 175 -11.54 -0.42 23.71
N ARG B 176 -12.23 0.43 22.96
CA ARG B 176 -13.56 0.12 22.47
C ARG B 176 -13.47 -0.49 21.07
N LYS B 177 -14.56 -1.12 20.66
CA LYS B 177 -14.54 -1.91 19.43
C LYS B 177 -15.46 -1.39 18.32
N THR B 178 -16.53 -0.68 18.65
CA THR B 178 -17.45 -0.23 17.61
C THR B 178 -16.91 1.03 16.93
N VAL B 179 -17.10 1.10 15.62
CA VAL B 179 -16.70 2.22 14.81
C VAL B 179 -17.93 2.74 14.08
N LEU B 180 -18.15 4.05 14.11
CA LEU B 180 -19.29 4.67 13.46
C LEU B 180 -18.90 5.07 12.04
N ALA B 181 -19.60 4.52 11.06
CA ALA B 181 -19.40 4.84 9.67
C ALA B 181 -20.73 5.25 9.07
N PHE B 182 -20.72 5.63 7.78
CA PHE B 182 -21.90 6.17 7.13
C PHE B 182 -22.14 5.43 5.82
N ASP B 183 -23.42 5.16 5.54
CA ASP B 183 -23.79 4.42 4.35
C ASP B 183 -23.33 5.16 3.09
N GLY B 184 -22.68 4.42 2.19
CA GLY B 184 -22.14 4.99 0.97
C GLY B 184 -20.70 5.41 1.04
N GLY B 185 -20.09 5.40 2.22
CA GLY B 185 -18.70 5.82 2.34
C GLY B 185 -17.74 4.75 1.87
N TYR B 186 -16.60 5.20 1.32
CA TYR B 186 -15.55 4.31 0.85
C TYR B 186 -14.23 4.76 1.44
N HIS B 187 -13.65 3.92 2.31
CA HIS B 187 -12.34 4.19 2.89
C HIS B 187 -11.29 3.17 2.46
N GLY B 188 -11.62 2.26 1.56
CA GLY B 188 -10.68 1.27 1.09
C GLY B 188 -11.35 -0.02 0.72
N GLY B 189 -10.55 -0.94 0.16
CA GLY B 189 -11.07 -2.22 -0.29
C GLY B 189 -11.75 -3.01 0.82
N LEU B 190 -11.16 -3.02 2.01
CA LEU B 190 -11.76 -3.63 3.18
C LEU B 190 -12.40 -2.59 4.08
N LEU B 191 -12.67 -1.39 3.54
CA LEU B 191 -13.35 -0.32 4.23
C LEU B 191 -14.37 0.29 3.26
N ASN B 192 -15.36 -0.51 2.87
CA ASN B 192 -16.36 -0.08 1.90
C ASN B 192 -17.74 -0.25 2.49
N PHE B 193 -18.58 0.78 2.29
CA PHE B 193 -19.91 0.79 2.88
C PHE B 193 -20.96 1.29 1.88
N ALA B 194 -20.68 1.17 0.58
CA ALA B 194 -21.67 1.55 -0.43
C ALA B 194 -22.93 0.72 -0.30
N SER B 195 -22.78 -0.59 -0.08
CA SER B 195 -23.91 -1.47 0.17
C SER B 195 -24.37 -1.41 1.61
N GLY B 196 -23.86 -0.46 2.40
CA GLY B 196 -24.03 -0.48 3.84
C GLY B 196 -23.04 -1.37 4.55
N HIS B 197 -22.32 -2.21 3.82
CA HIS B 197 -21.33 -3.14 4.34
C HIS B 197 -20.69 -3.84 3.14
N ALA B 198 -19.65 -4.62 3.42
CA ALA B 198 -19.05 -5.50 2.44
C ALA B 198 -18.57 -6.72 3.20
N PRO B 199 -18.76 -7.92 2.66
CA PRO B 199 -18.27 -9.12 3.36
C PRO B 199 -16.75 -9.19 3.46
N THR B 200 -16.04 -8.40 2.67
CA THR B 200 -14.58 -8.34 2.72
C THR B 200 -14.04 -7.35 3.75
N ASN B 201 -14.90 -6.49 4.30
CA ASN B 201 -14.45 -5.49 5.26
C ASN B 201 -13.81 -6.17 6.47
N ALA B 202 -12.77 -5.54 7.01
CA ALA B 202 -12.14 -6.04 8.23
C ALA B 202 -13.19 -6.13 9.34
N PRO B 203 -13.06 -7.11 10.23
CA PRO B 203 -14.12 -7.39 11.22
C PRO B 203 -14.16 -6.42 12.40
N TYR B 204 -14.19 -5.13 12.10
CA TYR B 204 -14.60 -4.15 13.11
C TYR B 204 -16.11 -4.21 13.29
N HIS B 205 -16.55 -3.86 14.51
CA HIS B 205 -17.98 -3.81 14.83
C HIS B 205 -18.54 -2.47 14.35
N VAL B 206 -18.70 -2.37 13.03
CA VAL B 206 -19.04 -1.10 12.41
C VAL B 206 -20.51 -0.76 12.68
N VAL B 207 -20.75 0.48 13.06
CA VAL B 207 -22.10 1.04 13.19
C VAL B 207 -22.33 1.95 12.01
N LEU B 208 -23.47 1.78 11.34
CA LEU B 208 -23.75 2.46 10.08
C LEU B 208 -24.86 3.47 10.30
N GLY B 209 -24.55 4.74 10.01
CA GLY B 209 -25.55 5.79 10.01
C GLY B 209 -25.78 6.30 8.60
N VAL B 210 -26.81 7.13 8.46
CA VAL B 210 -27.10 7.78 7.19
C VAL B 210 -26.36 9.11 7.15
N TYR B 211 -25.69 9.39 6.04
CA TYR B 211 -24.88 10.59 5.89
C TYR B 211 -25.75 11.84 6.06
N ASN B 212 -25.14 12.90 6.59
CA ASN B 212 -25.79 14.20 6.73
C ASN B 212 -27.09 14.11 7.52
N ASP B 213 -27.10 13.28 8.56
CA ASP B 213 -28.27 13.11 9.42
C ASP B 213 -27.76 12.95 10.85
N VAL B 214 -27.78 14.06 11.60
CA VAL B 214 -27.23 14.06 12.96
C VAL B 214 -28.22 13.56 13.99
N GLU B 215 -29.51 13.48 13.65
CA GLU B 215 -30.48 12.90 14.58
C GLU B 215 -30.26 11.40 14.74
N GLY B 216 -30.20 10.69 13.62
CA GLY B 216 -29.91 9.26 13.68
C GLY B 216 -28.57 8.97 14.30
N THR B 217 -27.58 9.83 14.05
CA THR B 217 -26.26 9.65 14.66
C THR B 217 -26.32 9.89 16.17
N ALA B 218 -27.12 10.86 16.62
CA ALA B 218 -27.24 11.08 18.06
C ALA B 218 -27.95 9.91 18.73
N ASP B 219 -28.93 9.32 18.05
CA ASP B 219 -29.59 8.13 18.59
C ASP B 219 -28.62 6.95 18.65
N LEU B 220 -27.88 6.72 17.56
CA LEU B 220 -26.87 5.65 17.56
C LEU B 220 -25.82 5.89 18.62
N LEU B 221 -25.49 7.14 18.92
CA LEU B 221 -24.55 7.44 19.98
C LEU B 221 -25.15 7.16 21.36
N LYS B 222 -26.42 7.51 21.56
CA LYS B 222 -27.11 7.11 22.78
C LYS B 222 -27.05 5.60 22.96
N ARG B 223 -27.14 4.86 21.86
CA ARG B 223 -27.13 3.40 21.95
C ARG B 223 -25.73 2.84 22.22
N HIS B 224 -24.71 3.35 21.52
CA HIS B 224 -23.38 2.77 21.57
C HIS B 224 -22.32 3.76 22.04
N GLY B 225 -22.70 4.74 22.86
CA GLY B 225 -21.74 5.76 23.27
C GLY B 225 -20.55 5.20 23.99
N HIS B 226 -20.77 4.30 24.94
CA HIS B 226 -19.69 3.70 25.69
C HIS B 226 -18.78 2.84 24.80
N ASP B 227 -19.34 2.21 23.77
CA ASP B 227 -18.58 1.30 22.94
C ASP B 227 -18.01 1.94 21.68
N CYS B 228 -18.22 3.24 21.47
CA CYS B 228 -17.76 3.91 20.25
C CYS B 228 -16.31 4.34 20.42
N ALA B 229 -15.41 3.68 19.68
CA ALA B 229 -14.01 4.03 19.69
C ALA B 229 -13.69 5.15 18.73
N ALA B 230 -14.44 5.25 17.63
CA ALA B 230 -14.08 6.17 16.58
C ALA B 230 -15.31 6.50 15.76
N ILE B 231 -15.31 7.70 15.20
CA ILE B 231 -16.26 8.11 14.18
C ILE B 231 -15.41 8.42 12.95
N LEU B 232 -15.55 7.60 11.92
CA LEU B 232 -14.81 7.74 10.68
C LEU B 232 -15.72 8.38 9.64
N VAL B 233 -15.34 9.55 9.13
CA VAL B 233 -16.23 10.27 8.23
C VAL B 233 -15.41 11.02 7.19
N GLU B 234 -15.95 11.08 5.95
CA GLU B 234 -15.40 11.91 4.89
C GLU B 234 -16.07 13.28 4.90
N PRO B 235 -15.31 14.37 4.78
CA PRO B 235 -15.95 15.69 4.61
C PRO B 235 -16.78 15.80 3.33
N MET B 236 -16.69 14.83 2.42
CA MET B 236 -17.59 14.71 1.28
C MET B 236 -17.64 13.25 0.87
N LEU B 237 -18.85 12.74 0.64
CA LEU B 237 -19.03 11.34 0.26
C LEU B 237 -18.42 11.12 -1.11
N GLY B 238 -17.21 10.57 -1.16
CA GLY B 238 -16.52 10.35 -2.42
C GLY B 238 -17.22 9.38 -3.34
N ALA B 239 -17.26 8.10 -2.96
CA ALA B 239 -17.94 7.08 -3.75
C ALA B 239 -19.45 7.19 -3.65
N GLY B 240 -19.97 7.78 -2.57
CA GLY B 240 -21.40 7.95 -2.42
C GLY B 240 -22.03 8.86 -3.46
N GLY B 241 -21.22 9.61 -4.20
CA GLY B 241 -21.72 10.47 -5.25
C GLY B 241 -21.36 11.92 -5.06
N CYS B 242 -20.18 12.17 -4.49
CA CYS B 242 -19.69 13.51 -4.17
C CYS B 242 -20.79 14.34 -3.51
N VAL B 243 -21.30 13.80 -2.40
CA VAL B 243 -22.33 14.47 -1.61
C VAL B 243 -21.62 15.30 -0.54
N PRO B 244 -21.63 16.62 -0.65
CA PRO B 244 -20.96 17.44 0.37
C PRO B 244 -21.60 17.27 1.74
N ALA B 245 -20.77 17.22 2.77
CA ALA B 245 -21.25 17.20 4.15
C ALA B 245 -21.68 18.59 4.56
N GLU B 246 -22.88 18.71 5.10
CA GLU B 246 -23.30 19.95 5.73
C GLU B 246 -22.36 20.27 6.89
N ARG B 247 -21.99 21.55 7.02
CA ARG B 247 -20.99 21.94 8.01
C ARG B 247 -21.48 21.65 9.42
N ALA B 248 -22.76 21.92 9.69
CA ALA B 248 -23.34 21.60 11.00
C ALA B 248 -23.25 20.11 11.30
N PHE B 249 -23.37 19.27 10.26
CA PHE B 249 -23.26 17.82 10.44
C PHE B 249 -21.87 17.44 10.98
N LEU B 250 -20.81 18.01 10.39
CA LEU B 250 -19.46 17.70 10.84
C LEU B 250 -19.16 18.30 12.20
N ASP B 251 -19.59 19.55 12.43
CA ASP B 251 -19.35 20.17 13.74
C ASP B 251 -20.06 19.40 14.84
N LEU B 252 -21.25 18.89 14.56
CA LEU B 252 -21.97 18.11 15.56
C LEU B 252 -21.35 16.73 15.75
N LEU B 253 -20.82 16.14 14.67
CA LEU B 253 -20.05 14.91 14.83
C LEU B 253 -18.87 15.12 15.76
N ARG B 254 -18.17 16.25 15.62
CA ARG B 254 -17.07 16.57 16.51
C ARG B 254 -17.53 16.70 17.96
N ALA B 255 -18.65 17.42 18.16
CA ALA B 255 -19.20 17.58 19.50
C ALA B 255 -19.54 16.23 20.13
N GLU B 256 -20.18 15.36 19.36
CA GLU B 256 -20.61 14.06 19.87
C GLU B 256 -19.42 13.16 20.18
N ALA B 257 -18.42 13.16 19.29
CA ALA B 257 -17.20 12.41 19.56
C ALA B 257 -16.53 12.88 20.84
N SER B 258 -16.51 14.19 21.06
CA SER B 258 -15.92 14.72 22.30
C SER B 258 -16.69 14.24 23.51
N ARG B 259 -18.02 14.25 23.42
CA ARG B 259 -18.82 13.96 24.61
C ARG B 259 -18.87 12.46 24.94
N CYS B 260 -18.79 11.58 23.95
CA CYS B 260 -18.86 10.15 24.24
C CYS B 260 -17.48 9.50 24.32
N GLY B 261 -16.41 10.25 24.13
CA GLY B 261 -15.06 9.72 24.25
C GLY B 261 -14.53 9.03 23.02
N ALA B 262 -15.28 9.02 21.91
CA ALA B 262 -14.81 8.46 20.66
C ALA B 262 -13.89 9.44 19.96
N LEU B 263 -12.98 8.92 19.16
CA LEU B 263 -12.15 9.84 18.39
C LEU B 263 -12.88 10.23 17.12
N LEU B 264 -12.40 11.30 16.49
CA LEU B 264 -12.92 11.75 15.21
C LEU B 264 -11.82 11.57 14.18
N ILE B 265 -12.06 10.70 13.20
CA ILE B 265 -11.15 10.49 12.08
C ILE B 265 -11.78 11.09 10.84
N PHE B 266 -11.06 12.03 10.23
CA PHE B 266 -11.46 12.62 8.97
C PHE B 266 -10.75 11.92 7.84
N ASP B 267 -11.52 11.31 6.95
CA ASP B 267 -10.96 10.69 5.75
C ASP B 267 -10.95 11.81 4.72
N GLU B 268 -9.79 12.43 4.57
CA GLU B 268 -9.57 13.50 3.60
C GLU B 268 -8.75 13.01 2.42
N VAL B 269 -8.80 11.70 2.14
CA VAL B 269 -8.09 11.17 0.99
C VAL B 269 -8.52 11.90 -0.28
N MET B 270 -9.79 12.25 -0.38
CA MET B 270 -10.30 12.97 -1.53
C MET B 270 -10.45 14.47 -1.29
N THR B 271 -10.95 14.89 -0.12
CA THR B 271 -11.27 16.28 0.12
C THR B 271 -10.06 17.13 0.53
N SER B 272 -8.90 16.50 0.76
CA SER B 272 -7.73 17.26 1.19
C SER B 272 -7.33 18.34 0.21
N ARG B 273 -7.76 18.23 -1.04
CA ARG B 273 -7.42 19.22 -2.06
C ARG B 273 -8.29 20.47 -2.01
N LEU B 274 -9.38 20.46 -1.22
CA LEU B 274 -10.31 21.58 -1.24
C LEU B 274 -9.68 22.88 -0.78
N SER B 275 -8.60 22.81 -0.01
CA SER B 275 -7.80 23.97 0.33
C SER B 275 -6.40 23.48 0.70
N GLY B 276 -5.51 24.42 0.99
CA GLY B 276 -4.17 24.05 1.42
C GLY B 276 -4.15 23.19 2.66
N GLY B 277 -5.17 23.30 3.50
CA GLY B 277 -5.31 22.45 4.66
C GLY B 277 -6.58 21.62 4.61
N GLY B 278 -7.09 21.41 3.39
CA GLY B 278 -8.27 20.60 3.20
C GLY B 278 -9.54 21.23 3.73
N ALA B 279 -10.63 20.47 3.59
CA ALA B 279 -11.93 20.96 4.04
C ALA B 279 -11.95 21.16 5.55
N GLN B 280 -11.13 20.41 6.29
CA GLN B 280 -11.05 20.63 7.74
C GLN B 280 -10.49 22.01 8.05
N GLU B 281 -9.53 22.48 7.26
CA GLU B 281 -9.11 23.88 7.38
C GLU B 281 -10.20 24.81 6.90
N MET B 282 -10.99 24.38 5.92
CA MET B 282 -12.05 25.24 5.41
C MET B 282 -13.16 25.47 6.43
N LEU B 283 -13.41 24.51 7.32
CA LEU B 283 -14.52 24.60 8.26
C LEU B 283 -14.11 24.86 9.69
N GLY B 284 -12.82 24.88 9.99
CA GLY B 284 -12.38 25.08 11.35
C GLY B 284 -12.66 23.93 12.29
N ILE B 285 -12.65 22.70 11.79
CA ILE B 285 -12.89 21.51 12.59
C ILE B 285 -11.56 20.80 12.80
N SER B 286 -11.31 20.36 14.03
CA SER B 286 -10.06 19.71 14.40
C SER B 286 -10.36 18.28 14.82
N ALA B 287 -10.07 17.33 13.94
CA ALA B 287 -10.29 15.93 14.27
C ALA B 287 -9.17 15.41 15.17
N ASP B 288 -9.44 14.27 15.80
CA ASP B 288 -8.38 13.57 16.52
C ASP B 288 -7.40 12.92 15.56
N LEU B 289 -7.86 12.47 14.40
CA LEU B 289 -7.01 11.85 13.39
C LEU B 289 -7.46 12.28 12.01
N THR B 290 -6.50 12.35 11.09
CA THR B 290 -6.75 12.69 9.70
C THR B 290 -6.00 11.69 8.82
N THR B 291 -6.65 11.25 7.74
CA THR B 291 -6.04 10.40 6.73
C THR B 291 -6.04 11.12 5.40
N LEU B 292 -4.91 11.04 4.69
CA LEU B 292 -4.69 11.67 3.40
C LEU B 292 -4.28 10.61 2.39
N GLY B 293 -4.50 10.92 1.11
CA GLY B 293 -4.40 9.92 0.07
C GLY B 293 -3.22 10.01 -0.87
N LYS B 294 -3.42 9.53 -2.11
CA LYS B 294 -2.31 9.15 -2.98
C LYS B 294 -1.66 10.35 -3.66
N TYR B 295 -2.42 11.40 -3.99
CA TYR B 295 -1.79 12.53 -4.68
C TYR B 295 -0.74 13.21 -3.83
N ILE B 296 -0.81 13.07 -2.51
CA ILE B 296 0.21 13.64 -1.64
C ILE B 296 1.56 12.98 -1.94
N GLY B 297 1.53 11.74 -2.44
CA GLY B 297 2.75 11.05 -2.81
C GLY B 297 3.20 11.23 -4.26
N GLY B 298 2.76 12.31 -4.90
CA GLY B 298 3.26 12.64 -6.22
C GLY B 298 2.70 11.81 -7.35
N GLY B 299 1.64 11.04 -7.11
CA GLY B 299 1.05 10.18 -8.11
C GLY B 299 1.33 8.71 -7.91
N MET B 300 2.18 8.35 -6.96
CA MET B 300 2.53 6.97 -6.66
C MET B 300 1.89 6.53 -5.36
N SER B 301 2.03 5.23 -5.06
CA SER B 301 1.39 4.61 -3.91
C SER B 301 1.77 5.33 -2.61
N PHE B 302 0.80 6.00 -2.01
CA PHE B 302 1.06 6.74 -0.78
C PHE B 302 -0.23 6.95 -0.02
N GLY B 303 -0.13 6.92 1.30
CA GLY B 303 -1.20 7.35 2.18
C GLY B 303 -0.56 7.92 3.43
N ALA B 304 -1.34 8.64 4.21
CA ALA B 304 -0.79 9.21 5.42
C ALA B 304 -1.87 9.26 6.49
N PHE B 305 -1.49 8.99 7.73
CA PHE B 305 -2.43 9.16 8.83
C PHE B 305 -1.71 9.81 10.00
N GLY B 306 -2.43 10.63 10.73
CA GLY B 306 -1.78 11.25 11.87
C GLY B 306 -2.69 12.18 12.64
N GLY B 307 -2.13 12.71 13.72
CA GLY B 307 -2.83 13.62 14.59
C GLY B 307 -2.24 13.73 15.98
N ARG B 308 -3.09 13.57 16.99
CA ARG B 308 -2.71 13.81 18.39
C ARG B 308 -1.47 13.01 18.76
N ARG B 309 -0.60 13.63 19.55
CA ARG B 309 0.64 12.97 19.96
C ARG B 309 0.36 11.78 20.87
N ASP B 310 -0.41 11.98 21.95
CA ASP B 310 -0.64 10.91 22.91
C ASP B 310 -1.30 9.71 22.25
N LEU B 311 -2.14 9.95 21.25
CA LEU B 311 -2.81 8.88 20.55
C LEU B 311 -1.88 8.18 19.57
N MET B 312 -1.03 8.94 18.89
CA MET B 312 -0.21 8.45 17.79
C MET B 312 1.15 7.95 18.24
N GLU B 313 1.48 8.03 19.53
CA GLU B 313 2.79 7.60 19.99
C GLU B 313 3.03 6.11 19.87
N ARG B 314 1.99 5.32 19.56
CA ARG B 314 2.18 3.90 19.32
C ARG B 314 3.23 3.64 18.25
N PHE B 315 3.42 4.60 17.34
CA PHE B 315 4.38 4.45 16.25
C PHE B 315 5.54 5.43 16.41
N THR B 328 4.99 -2.05 8.92
CA THR B 328 5.95 -1.40 8.04
C THR B 328 5.38 -0.09 7.49
N PHE B 329 6.19 0.96 7.52
CA PHE B 329 5.83 2.28 7.04
C PHE B 329 6.53 2.56 5.72
N ASN B 330 5.93 3.47 4.94
CA ASN B 330 6.31 3.70 3.56
C ASN B 330 7.30 4.85 3.47
N ASN B 331 8.49 4.57 2.95
CA ASN B 331 9.50 5.60 2.73
C ASN B 331 10.18 5.45 1.37
N ASN B 332 9.49 4.88 0.39
CA ASN B 332 10.11 4.63 -0.90
C ASN B 332 10.65 5.92 -1.49
N ILE B 333 11.90 5.87 -1.94
CA ILE B 333 12.63 7.09 -2.34
C ILE B 333 11.85 7.86 -3.40
N LEU B 334 11.37 7.14 -4.42
CA LEU B 334 10.65 7.80 -5.50
C LEU B 334 9.39 8.48 -5.00
N THR B 335 8.65 7.82 -4.10
CA THR B 335 7.40 8.39 -3.60
C THR B 335 7.68 9.65 -2.78
N MET B 336 8.64 9.56 -1.85
CA MET B 336 9.00 10.72 -1.05
C MET B 336 9.42 11.89 -1.94
N SER B 337 10.28 11.62 -2.93
CA SER B 337 10.78 12.69 -3.78
C SER B 337 9.66 13.32 -4.59
N ALA B 338 8.82 12.50 -5.23
CA ALA B 338 7.76 13.03 -6.07
C ALA B 338 6.76 13.85 -5.25
N GLY B 339 6.31 13.30 -4.12
CA GLY B 339 5.37 14.03 -3.28
C GLY B 339 5.97 15.32 -2.76
N HIS B 340 7.24 15.29 -2.35
CA HIS B 340 7.90 16.49 -1.84
C HIS B 340 7.98 17.57 -2.90
N ALA B 341 8.52 17.24 -4.08
CA ALA B 341 8.63 18.24 -5.14
C ALA B 341 7.26 18.78 -5.53
N ALA B 342 6.27 17.89 -5.62
CA ALA B 342 4.93 18.30 -6.01
C ALA B 342 4.33 19.28 -5.00
N LEU B 343 4.44 18.97 -3.70
CA LEU B 343 3.85 19.83 -2.69
C LEU B 343 4.58 21.17 -2.60
N THR B 344 5.91 21.14 -2.60
CA THR B 344 6.66 22.37 -2.30
C THR B 344 6.80 23.27 -3.52
N GLN B 345 6.75 22.72 -4.74
CA GLN B 345 7.03 23.51 -5.94
C GLN B 345 5.85 23.65 -6.90
N ILE B 346 4.80 22.84 -6.76
CA ILE B 346 3.68 22.84 -7.70
C ILE B 346 2.37 23.15 -6.98
N TYR B 347 2.08 22.42 -5.90
CA TYR B 347 0.80 22.52 -5.21
C TYR B 347 0.79 23.72 -4.27
N THR B 348 0.91 24.91 -4.86
CA THR B 348 0.82 26.11 -4.06
C THR B 348 -0.64 26.39 -3.72
N ARG B 349 -0.85 27.15 -2.65
CA ARG B 349 -2.21 27.48 -2.24
C ARG B 349 -2.94 28.26 -3.32
N GLN B 350 -2.21 29.10 -4.05
CA GLN B 350 -2.84 29.85 -5.14
C GLN B 350 -3.21 28.94 -6.30
N ALA B 351 -2.37 27.94 -6.60
CA ALA B 351 -2.70 27.00 -7.66
C ALA B 351 -3.93 26.16 -7.29
N ALA B 352 -3.99 25.70 -6.04
CA ALA B 352 -5.15 24.95 -5.59
C ALA B 352 -6.41 25.81 -5.59
N SER B 353 -6.27 27.08 -5.22
CA SER B 353 -7.41 27.99 -5.25
C SER B 353 -7.91 28.21 -6.66
N ASP B 354 -6.99 28.47 -7.60
CA ASP B 354 -7.38 28.61 -9.00
C ASP B 354 -8.08 27.35 -9.50
N LEU B 355 -7.55 26.18 -9.13
CA LEU B 355 -8.10 24.93 -9.64
C LEU B 355 -9.51 24.69 -9.09
N SER B 356 -9.71 24.89 -7.78
CA SER B 356 -11.02 24.65 -7.19
C SER B 356 -12.04 25.70 -7.61
N ALA B 357 -11.63 26.95 -7.78
CA ALA B 357 -12.55 27.97 -8.26
C ALA B 357 -12.97 27.70 -9.70
N SER B 358 -12.00 27.33 -10.54
CA SER B 358 -12.31 26.91 -11.90
C SER B 358 -13.29 25.75 -11.89
N GLY B 359 -13.07 24.78 -10.99
CA GLY B 359 -14.00 23.65 -10.89
C GLY B 359 -15.39 24.08 -10.50
N ASP B 360 -15.50 25.05 -9.59
CA ASP B 360 -16.82 25.54 -9.20
C ASP B 360 -17.56 26.19 -10.37
N ARG B 361 -16.91 27.14 -11.04
CA ARG B 361 -17.55 27.82 -12.17
C ARG B 361 -17.87 26.84 -13.27
N PHE B 362 -17.04 25.81 -13.40
CA PHE B 362 -17.22 24.85 -14.46
C PHE B 362 -18.38 23.89 -14.17
N ARG B 363 -18.54 23.46 -12.92
CA ARG B 363 -19.73 22.73 -12.52
C ARG B 363 -20.99 23.56 -12.74
N ALA B 364 -20.90 24.87 -12.46
CA ALA B 364 -22.02 25.76 -12.75
C ALA B 364 -22.37 25.75 -14.23
N ASN B 365 -21.35 25.79 -15.09
CA ASN B 365 -21.59 25.76 -16.54
C ASN B 365 -22.34 24.50 -16.94
N LEU B 366 -21.94 23.36 -16.38
CA LEU B 366 -22.59 22.10 -16.72
C LEU B 366 -24.04 22.08 -16.27
N ASN B 367 -24.26 22.44 -15.01
CA ASN B 367 -25.61 22.44 -14.48
C ASN B 367 -26.48 23.40 -15.25
N ARG B 368 -25.89 24.44 -15.84
CA ARG B 368 -26.69 25.34 -16.64
C ARG B 368 -26.98 24.80 -18.02
N ILE B 369 -26.07 23.98 -18.58
CA ILE B 369 -26.43 23.19 -19.75
C ILE B 369 -27.67 22.35 -19.44
N ALA B 370 -27.65 21.69 -18.28
CA ALA B 370 -28.81 20.89 -17.87
C ALA B 370 -30.06 21.76 -17.72
N VAL B 371 -29.92 22.91 -17.07
CA VAL B 371 -31.07 23.73 -16.70
C VAL B 371 -31.73 24.31 -17.95
N GLU B 372 -30.93 24.79 -18.91
CA GLU B 372 -31.51 25.36 -20.13
C GLU B 372 -32.33 24.33 -20.90
N ASN B 373 -31.80 23.11 -21.04
CA ASN B 373 -32.50 22.08 -21.79
C ASN B 373 -33.63 21.43 -21.00
N GLN B 374 -33.88 21.91 -19.78
CA GLN B 374 -34.95 21.37 -18.92
C GLN B 374 -34.76 19.88 -18.71
N ALA B 375 -33.51 19.47 -18.53
CA ALA B 375 -33.18 18.08 -18.26
C ALA B 375 -32.71 17.95 -16.81
N PRO B 376 -33.27 17.01 -16.05
CA PRO B 376 -32.97 16.93 -14.62
C PRO B 376 -31.77 16.04 -14.32
N LEU B 377 -30.62 16.39 -14.88
CA LEU B 377 -29.36 15.81 -14.47
C LEU B 377 -28.56 16.90 -13.77
N GLN B 378 -27.65 16.48 -12.91
CA GLN B 378 -26.91 17.48 -12.15
C GLN B 378 -25.50 17.01 -11.91
N PHE B 379 -24.59 17.95 -11.77
CA PHE B 379 -23.25 17.68 -11.27
C PHE B 379 -23.20 18.14 -9.82
N THR B 380 -22.83 17.22 -8.93
CA THR B 380 -22.70 17.54 -7.51
C THR B 380 -21.25 17.37 -7.07
N GLY B 381 -20.85 18.16 -6.09
CA GLY B 381 -19.54 18.02 -5.52
C GLY B 381 -19.06 19.33 -4.93
N LEU B 382 -17.74 19.47 -4.87
CA LEU B 382 -17.10 20.66 -4.32
C LEU B 382 -15.82 20.94 -5.08
N GLY B 383 -15.53 22.22 -5.29
CA GLY B 383 -14.30 22.63 -5.94
C GLY B 383 -14.14 21.99 -7.29
N SER B 384 -12.99 21.34 -7.49
CA SER B 384 -12.66 20.71 -8.76
C SER B 384 -13.11 19.27 -8.84
N LEU B 385 -14.01 18.82 -7.95
CA LEU B 385 -14.51 17.45 -8.01
C LEU B 385 -16.03 17.46 -8.02
N GLY B 386 -16.59 16.81 -9.04
CA GLY B 386 -18.03 16.70 -9.19
C GLY B 386 -18.37 15.34 -9.78
N THR B 387 -19.66 15.08 -9.90
CA THR B 387 -20.12 13.83 -10.49
C THR B 387 -21.54 14.02 -10.99
N ILE B 388 -21.84 13.42 -12.12
CA ILE B 388 -23.16 13.55 -12.74
C ILE B 388 -24.13 12.55 -12.12
N HIS B 389 -25.34 13.01 -11.85
CA HIS B 389 -26.42 12.19 -11.34
C HIS B 389 -27.64 12.39 -12.23
N PHE B 390 -28.30 11.27 -12.55
CA PHE B 390 -29.45 11.27 -13.44
C PHE B 390 -30.64 12.02 -12.86
N SER B 391 -30.73 12.14 -11.53
CA SER B 391 -31.82 12.88 -10.92
C SER B 391 -31.39 14.32 -10.64
N ARG B 392 -32.37 15.22 -10.60
CA ARG B 392 -32.17 16.61 -10.21
C ARG B 392 -32.58 16.86 -8.76
N ALA B 393 -32.97 15.82 -8.04
CA ALA B 393 -33.37 15.96 -6.66
C ALA B 393 -32.17 16.38 -5.81
N PRO B 394 -32.39 17.20 -4.80
CA PRO B 394 -31.28 17.59 -3.92
C PRO B 394 -30.76 16.37 -3.17
N ILE B 395 -29.45 16.17 -3.24
CA ILE B 395 -28.80 14.98 -2.68
C ILE B 395 -28.22 15.35 -1.33
N ARG B 396 -28.72 14.70 -0.28
CA ARG B 396 -28.19 14.86 1.07
C ARG B 396 -27.49 13.61 1.59
N SER B 397 -27.95 12.42 1.21
CA SER B 397 -27.37 11.17 1.64
C SER B 397 -27.41 10.18 0.48
N ALA B 398 -26.94 8.96 0.72
CA ALA B 398 -27.00 7.94 -0.32
C ALA B 398 -28.44 7.67 -0.75
N GLY B 399 -29.36 7.63 0.20
CA GLY B 399 -30.76 7.38 -0.12
C GLY B 399 -31.36 8.33 -1.13
N ASP B 400 -30.71 9.47 -1.39
CA ASP B 400 -31.23 10.43 -2.33
C ASP B 400 -30.84 10.17 -3.79
N VAL B 401 -29.86 9.31 -4.06
CA VAL B 401 -29.60 8.99 -5.47
C VAL B 401 -30.60 7.98 -5.99
N ARG B 402 -31.57 7.59 -5.17
CA ARG B 402 -32.71 6.79 -5.58
C ARG B 402 -33.50 7.49 -6.68
N ASP B 405 -31.29 6.37 -13.27
CA ASP B 405 -31.22 5.27 -14.21
C ASP B 405 -29.85 5.24 -14.91
N GLN B 406 -29.18 4.10 -14.83
CA GLN B 406 -27.82 3.98 -15.31
C GLN B 406 -27.70 4.00 -16.82
N GLN B 407 -28.81 3.82 -17.55
CA GLN B 407 -28.73 3.85 -19.00
C GLN B 407 -28.47 5.25 -19.52
N LEU B 408 -29.02 6.27 -18.84
CA LEU B 408 -28.74 7.64 -19.22
C LEU B 408 -27.29 8.01 -18.92
N LYS B 409 -26.78 7.59 -17.76
CA LYS B 409 -25.38 7.82 -17.43
C LYS B 409 -24.45 7.13 -18.42
N GLU B 410 -24.79 5.90 -18.81
CA GLU B 410 -23.99 5.18 -19.80
C GLU B 410 -24.04 5.89 -21.14
N LEU B 411 -25.22 6.37 -21.53
CA LEU B 411 -25.36 7.11 -22.79
C LEU B 411 -24.49 8.37 -22.76
N PHE B 412 -24.54 9.12 -21.65
CA PHE B 412 -23.71 10.32 -21.51
C PHE B 412 -22.23 9.98 -21.60
N PHE B 413 -21.80 8.95 -20.88
CA PHE B 413 -20.40 8.55 -20.87
C PHE B 413 -19.92 8.19 -22.27
N PHE B 414 -20.69 7.36 -22.98
CA PHE B 414 -20.30 6.95 -24.33
C PHE B 414 -20.31 8.11 -25.30
N HIS B 415 -21.30 9.01 -25.16
CA HIS B 415 -21.39 10.16 -26.06
C HIS B 415 -20.22 11.10 -25.87
N MET B 416 -19.85 11.39 -24.62
CA MET B 416 -18.71 12.27 -24.39
C MET B 416 -17.40 11.58 -24.77
N LEU B 417 -17.34 10.26 -24.67
CA LEU B 417 -16.19 9.53 -25.21
C LEU B 417 -16.08 9.74 -26.71
N ARG B 418 -17.19 9.57 -27.44
CA ARG B 418 -17.19 9.81 -28.88
C ARG B 418 -16.77 11.23 -29.22
N LYS B 419 -17.03 12.19 -28.32
CA LYS B 419 -16.61 13.57 -28.48
C LYS B 419 -15.21 13.83 -27.94
N GLY B 420 -14.54 12.83 -27.38
CA GLY B 420 -13.20 13.00 -26.86
C GLY B 420 -13.12 13.48 -25.43
N ILE B 421 -14.15 13.23 -24.63
CA ILE B 421 -14.17 13.61 -23.22
C ILE B 421 -14.14 12.33 -22.40
N TYR B 422 -13.15 12.22 -21.51
CA TYR B 422 -12.95 11.02 -20.71
C TYR B 422 -13.32 11.30 -19.25
N LEU B 423 -14.21 10.49 -18.71
CA LEU B 423 -14.56 10.54 -17.30
C LEU B 423 -15.06 9.17 -16.88
N ALA B 424 -15.26 9.00 -15.56
CA ALA B 424 -15.69 7.72 -15.03
C ALA B 424 -17.08 7.34 -15.57
N PRO B 425 -17.33 6.04 -15.77
CA PRO B 425 -18.68 5.63 -16.21
C PRO B 425 -19.77 5.99 -15.23
N ARG B 426 -19.45 6.03 -13.93
CA ARG B 426 -20.39 6.56 -12.95
C ARG B 426 -20.57 8.07 -13.09
N GLY B 427 -19.67 8.73 -13.82
CA GLY B 427 -19.83 10.12 -14.16
C GLY B 427 -19.05 11.10 -13.33
N MET B 428 -18.01 10.66 -12.62
CA MET B 428 -17.26 11.54 -11.74
C MET B 428 -16.16 12.25 -12.53
N TYR B 429 -15.98 13.53 -12.24
CA TYR B 429 -14.95 14.37 -12.85
C TYR B 429 -14.11 14.99 -11.75
N ALA B 430 -12.79 14.93 -11.90
CA ALA B 430 -11.85 15.52 -10.95
C ALA B 430 -10.81 16.29 -11.76
N LEU B 431 -10.88 17.62 -11.68
CA LEU B 431 -9.99 18.46 -12.48
C LEU B 431 -8.55 18.34 -12.00
N SER B 432 -7.64 18.40 -12.96
CA SER B 432 -6.21 18.47 -12.71
C SER B 432 -5.73 19.88 -13.03
N LEU B 433 -4.51 20.19 -12.59
CA LEU B 433 -3.98 21.54 -12.76
C LEU B 433 -3.95 21.96 -14.24
N GLU B 434 -3.87 21.00 -15.16
CA GLU B 434 -3.73 21.35 -16.58
C GLU B 434 -5.05 21.67 -17.26
N ILE B 435 -6.17 21.10 -16.81
CA ILE B 435 -7.44 21.36 -17.47
C ILE B 435 -7.95 22.77 -17.19
N ASP B 437 -9.01 26.73 -19.17
CA ASP B 437 -10.28 27.32 -19.62
C ASP B 437 -10.71 26.70 -20.94
N ALA B 438 -9.74 26.36 -21.80
CA ALA B 438 -10.06 25.72 -23.07
C ALA B 438 -10.63 24.32 -22.85
N GLY B 439 -10.05 23.55 -21.94
CA GLY B 439 -10.62 22.25 -21.61
C GLY B 439 -12.03 22.35 -21.07
N ARG B 440 -12.27 23.34 -20.21
CA ARG B 440 -13.61 23.54 -19.67
C ARG B 440 -14.60 23.93 -20.77
N ASP B 441 -14.16 24.81 -21.68
CA ASP B 441 -15.04 25.21 -22.79
C ASP B 441 -15.37 24.02 -23.67
N ALA B 442 -14.37 23.21 -24.00
CA ALA B 442 -14.62 22.03 -24.83
C ALA B 442 -15.55 21.05 -24.14
N PHE B 443 -15.36 20.87 -22.83
CA PHE B 443 -16.22 19.97 -22.07
C PHE B 443 -17.66 20.47 -22.06
N ALA B 444 -17.85 21.79 -21.88
CA ALA B 444 -19.21 22.34 -21.84
C ALA B 444 -19.87 22.25 -23.21
N GLU B 445 -19.13 22.55 -24.28
CA GLU B 445 -19.67 22.43 -25.62
C GLU B 445 -20.01 20.97 -25.97
N ALA B 446 -19.17 20.03 -25.54
CA ALA B 446 -19.46 18.62 -25.80
C ALA B 446 -20.74 18.18 -25.09
N LEU B 447 -20.85 18.53 -23.81
CA LEU B 447 -22.08 18.21 -23.08
C LEU B 447 -23.29 18.88 -23.72
N ALA B 448 -23.12 20.12 -24.18
CA ALA B 448 -24.21 20.84 -24.85
C ALA B 448 -24.68 20.09 -26.09
N ASP B 449 -23.74 19.69 -26.95
CA ASP B 449 -24.11 19.01 -28.18
C ASP B 449 -24.77 17.67 -27.88
N PHE B 450 -24.23 16.93 -26.90
CA PHE B 450 -24.82 15.63 -26.58
C PHE B 450 -26.23 15.77 -26.05
N ILE B 451 -26.47 16.74 -25.16
CA ILE B 451 -27.81 16.89 -24.60
C ILE B 451 -28.77 17.44 -25.65
N GLY B 452 -28.29 18.31 -26.53
CA GLY B 452 -29.12 18.78 -27.62
C GLY B 452 -29.58 17.64 -28.50
N GLU B 453 -28.69 16.70 -28.80
CA GLU B 453 -29.06 15.58 -29.66
C GLU B 453 -29.93 14.57 -28.94
N GLN B 454 -29.59 14.23 -27.69
CA GLN B 454 -30.28 13.18 -26.94
C GLN B 454 -31.33 13.72 -25.96
N ARG B 455 -31.88 14.91 -26.24
CA ARG B 455 -32.77 15.54 -25.27
C ARG B 455 -34.01 14.70 -25.01
N ALA B 456 -34.57 14.09 -26.06
CA ALA B 456 -35.81 13.34 -25.93
C ALA B 456 -35.63 12.06 -25.12
N LEU B 457 -34.40 11.63 -24.88
CA LEU B 457 -34.13 10.39 -24.17
C LEU B 457 -33.89 10.59 -22.68
N LEU B 458 -33.73 11.82 -22.25
CA LEU B 458 -33.44 12.12 -20.85
C LEU B 458 -34.74 12.45 -20.13
N MET B 459 -34.71 12.35 -18.81
CA MET B 459 -35.87 12.69 -18.02
C MET B 459 -36.22 14.16 -18.21
N ALA B 460 -37.35 14.57 -17.66
CA ALA B 460 -37.76 15.97 -17.68
C ALA B 460 -37.53 16.60 -16.32
N ALA B 461 -37.05 17.85 -16.32
CA ALA B 461 -36.76 18.57 -15.08
C ALA B 461 -38.04 18.83 -14.29
#